data_8QAK
#
_entry.id   8QAK
#
_cell.length_a   50.948
_cell.length_b   109.352
_cell.length_c   131.084
_cell.angle_alpha   90.000
_cell.angle_beta   90.000
_cell.angle_gamma   90.000
#
_symmetry.space_group_name_H-M   'P 21 21 21'
#
loop_
_entity.id
_entity.type
_entity.pdbx_description
1 polymer 'Glycoside hydrolase family 20 catalytic domain-containing protein'
2 non-polymer 'ACETATE ION'
3 water water
#
_entity_poly.entity_id   1
_entity_poly.type   'polypeptide(L)'
_entity_poly.pdbx_seq_one_letter_code
;QDQEKGITIDISRKYYSIKTLKAIVDEISANGGDYLQLHFSDNESYAIASEFLGQNSENPNSAYLTKKELLSLIAYSNDR
NIMVIPDIDLPAHSKGWLNIMKEKDSGLYTDIVTDYSEDTLDYHNNAVALYTANQLLDEVLDLFYQPKFAGKQRIVLGGD
EVPGSGAHQTDFIRFMNQIAKTAKASNYEPQMWNDSITPEGIQNLDRSFSILYWKQSTLSNGAQSLDVQDFEENGLSVYN
YNAYSLYFLPSTRFTQEDITEQIDYMKWAYAYNKFFYISDYYKQVDTPNVKGSSLVFWGEHANDLSQEGLLKQEKPLIQN
FLGL
;
_entity_poly.pdbx_strand_id   A,B
#
# COMPACT_ATOMS: atom_id res chain seq x y z
N GLN A 3 16.68 13.93 18.43
CA GLN A 3 15.95 15.14 17.91
C GLN A 3 16.45 15.60 16.53
N GLU A 4 15.67 15.33 15.48
CA GLU A 4 16.08 15.71 14.14
C GLU A 4 15.86 17.21 13.92
N LYS A 5 16.66 17.78 13.02
CA LYS A 5 16.45 19.14 12.57
C LYS A 5 16.37 19.14 11.06
N GLY A 6 15.32 19.78 10.53
CA GLY A 6 15.10 19.90 9.11
C GLY A 6 15.00 21.37 8.69
N ILE A 7 15.23 21.62 7.40
CA ILE A 7 14.86 22.86 6.74
C ILE A 7 13.79 22.46 5.72
N THR A 8 12.73 23.27 5.61
CA THR A 8 11.69 23.07 4.64
C THR A 8 11.72 24.23 3.67
N ILE A 9 11.79 23.95 2.36
CA ILE A 9 11.76 24.97 1.32
C ILE A 9 10.51 24.84 0.46
N ASP A 10 9.75 25.95 0.37
CA ASP A 10 8.60 26.03 -0.52
C ASP A 10 9.08 26.51 -1.90
N ILE A 11 9.09 25.61 -2.87
CA ILE A 11 9.46 25.95 -4.23
C ILE A 11 8.20 25.99 -5.08
N SER A 12 7.03 25.66 -4.50
CA SER A 12 5.79 25.78 -5.29
C SER A 12 5.51 27.25 -5.59
N ARG A 13 5.80 28.11 -4.60
CA ARG A 13 5.47 29.52 -4.68
C ARG A 13 6.61 30.32 -5.26
N LYS A 14 7.81 29.75 -5.35
CA LYS A 14 9.01 30.52 -5.64
C LYS A 14 10.05 29.59 -6.24
N TYR A 15 10.57 29.94 -7.43
CA TYR A 15 11.59 29.16 -8.12
C TYR A 15 12.95 29.32 -7.44
N TYR A 16 13.55 28.19 -6.99
CA TYR A 16 14.96 28.22 -6.60
C TYR A 16 15.80 27.45 -7.63
N SER A 17 16.85 28.08 -8.15
CA SER A 17 17.72 27.43 -9.12
C SER A 17 18.45 26.27 -8.42
N ILE A 18 18.94 25.29 -9.20
CA ILE A 18 19.64 24.14 -8.60
C ILE A 18 20.88 24.59 -7.81
N LYS A 19 21.49 25.68 -8.24
CA LYS A 19 22.66 26.21 -7.57
C LYS A 19 22.28 26.76 -6.19
N THR A 20 21.21 27.54 -6.13
CA THR A 20 20.71 28.03 -4.85
C THR A 20 20.40 26.86 -3.91
N LEU A 21 19.64 25.85 -4.39
CA LEU A 21 19.29 24.71 -3.54
C LEU A 21 20.53 23.96 -3.06
N LYS A 22 21.58 23.81 -3.90
CA LYS A 22 22.77 23.14 -3.41
C LYS A 22 23.50 23.99 -2.38
N ALA A 23 23.52 25.32 -2.58
CA ALA A 23 24.05 26.22 -1.57
C ALA A 23 23.36 26.05 -0.22
N ILE A 24 22.03 25.93 -0.26
CA ILE A 24 21.26 25.71 0.96
C ILE A 24 21.68 24.39 1.59
N VAL A 25 21.80 23.33 0.77
CA VAL A 25 22.19 22.04 1.29
C VAL A 25 23.58 22.15 1.94
N ASP A 26 24.51 22.93 1.37
CA ASP A 26 25.83 23.14 1.96
C ASP A 26 25.69 23.71 3.36
N GLU A 27 24.88 24.76 3.52
CA GLU A 27 24.65 25.31 4.85
C GLU A 27 24.07 24.27 5.81
N ILE A 28 23.11 23.46 5.34
CA ILE A 28 22.50 22.46 6.21
C ILE A 28 23.60 21.52 6.69
N SER A 29 24.46 21.16 5.74
CA SER A 29 25.50 20.17 5.95
C SER A 29 26.52 20.70 6.93
N ALA A 30 27.03 21.91 6.67
CA ALA A 30 28.03 22.54 7.50
C ALA A 30 27.59 22.61 8.95
N ASN A 31 26.27 22.54 9.22
CA ASN A 31 25.76 22.82 10.55
C ASN A 31 25.08 21.60 11.17
N GLY A 32 25.16 20.44 10.52
CA GLY A 32 24.65 19.22 11.12
C GLY A 32 23.13 19.04 10.98
N GLY A 33 22.51 19.51 9.91
CA GLY A 33 21.08 19.29 9.78
C GLY A 33 20.79 17.87 9.32
N ASP A 34 19.57 17.37 9.46
CA ASP A 34 19.24 15.99 9.11
C ASP A 34 18.46 15.89 7.81
N TYR A 35 17.62 16.87 7.51
CA TYR A 35 16.77 16.69 6.34
C TYR A 35 16.42 18.03 5.70
N LEU A 36 16.07 17.91 4.43
CA LEU A 36 15.58 18.97 3.60
C LEU A 36 14.23 18.49 3.08
N GLN A 37 13.19 19.21 3.50
CA GLN A 37 11.83 18.95 3.06
C GLN A 37 11.56 19.84 1.85
N LEU A 38 11.19 19.21 0.74
CA LEU A 38 10.99 19.96 -0.47
C LEU A 38 9.51 20.05 -0.75
N HIS A 39 8.94 21.27 -0.50
CA HIS A 39 7.50 21.53 -0.65
C HIS A 39 7.26 22.00 -2.08
N PHE A 40 6.87 21.09 -2.99
CA PHE A 40 6.92 21.42 -4.40
C PHE A 40 5.57 21.43 -5.10
N SER A 41 4.48 21.14 -4.40
CA SER A 41 3.13 21.09 -4.98
C SER A 41 2.19 21.89 -4.06
N ASP A 42 1.57 22.92 -4.62
CA ASP A 42 0.67 23.76 -3.87
C ASP A 42 -0.27 24.41 -4.87
N ASN A 43 -0.97 25.45 -4.47
CA ASN A 43 -1.93 26.09 -5.39
C ASN A 43 -1.30 26.83 -6.58
N GLU A 44 -0.13 27.39 -6.39
CA GLU A 44 0.54 28.23 -7.40
C GLU A 44 1.20 27.40 -8.49
N SER A 45 1.73 26.19 -8.20
CA SER A 45 2.45 25.41 -9.18
C SER A 45 2.70 24.04 -8.62
N TYR A 46 3.02 23.11 -9.57
CA TYR A 46 3.71 21.85 -9.31
C TYR A 46 5.13 22.04 -9.83
N ALA A 47 6.12 22.07 -8.92
CA ALA A 47 7.37 22.69 -9.25
C ALA A 47 8.52 21.70 -9.59
N ILE A 48 8.19 20.42 -9.85
CA ILE A 48 9.16 19.46 -10.38
C ILE A 48 8.57 18.80 -11.62
N ALA A 49 9.50 18.26 -12.40
CA ALA A 49 9.17 17.48 -13.57
C ALA A 49 8.22 16.35 -13.20
N SER A 50 7.33 16.02 -14.16
CA SER A 50 6.33 15.03 -13.96
C SER A 50 5.85 14.55 -15.33
N GLU A 51 6.02 13.24 -15.50
CA GLU A 51 5.54 12.58 -16.70
C GLU A 51 4.01 12.58 -16.64
N PHE A 52 3.44 12.28 -15.47
CA PHE A 52 1.99 12.20 -15.32
C PHE A 52 1.34 13.51 -15.73
N LEU A 53 1.96 14.62 -15.32
CA LEU A 53 1.39 15.96 -15.58
C LEU A 53 1.89 16.59 -16.87
N GLY A 54 2.76 15.91 -17.63
CA GLY A 54 3.22 16.54 -18.85
C GLY A 54 4.29 17.62 -18.63
N GLN A 55 5.03 17.59 -17.52
CA GLN A 55 6.14 18.50 -17.33
C GLN A 55 7.41 17.70 -17.57
N ASN A 56 7.78 17.59 -18.84
CA ASN A 56 8.84 16.70 -19.27
C ASN A 56 10.07 17.41 -19.81
N SER A 57 10.11 18.74 -19.76
CA SER A 57 11.26 19.42 -20.32
C SER A 57 12.50 18.95 -19.55
N GLU A 58 13.58 18.70 -20.28
CA GLU A 58 14.87 18.32 -19.71
C GLU A 58 15.77 19.55 -19.71
N ASN A 59 15.24 20.69 -20.17
CA ASN A 59 15.97 21.94 -20.05
C ASN A 59 15.54 22.72 -18.82
N PRO A 60 16.51 23.35 -18.11
CA PRO A 60 16.20 24.26 -17.04
C PRO A 60 15.31 25.37 -17.56
N ASN A 61 14.42 25.78 -16.66
CA ASN A 61 13.36 26.70 -16.94
C ASN A 61 12.95 27.25 -15.57
N SER A 62 12.00 28.17 -15.58
CA SER A 62 11.59 28.90 -14.39
C SER A 62 10.27 28.37 -13.79
N ALA A 63 9.71 27.29 -14.33
CA ALA A 63 8.47 26.72 -13.84
C ALA A 63 8.70 25.45 -13.01
N TYR A 64 9.75 24.68 -13.31
CA TYR A 64 10.02 23.46 -12.57
C TYR A 64 11.44 22.96 -12.73
N LEU A 65 11.98 22.36 -11.65
CA LEU A 65 13.24 21.64 -11.70
C LEU A 65 13.11 20.44 -12.65
N THR A 66 14.11 20.22 -13.53
CA THR A 66 14.12 19.02 -14.38
C THR A 66 14.32 17.76 -13.53
N LYS A 67 14.02 16.61 -14.13
CA LYS A 67 14.27 15.36 -13.42
C LYS A 67 15.74 15.23 -13.03
N LYS A 68 16.63 15.63 -13.94
CA LYS A 68 18.06 15.46 -13.70
C LYS A 68 18.55 16.41 -12.60
N GLU A 69 18.06 17.66 -12.61
CA GLU A 69 18.36 18.60 -11.54
C GLU A 69 17.91 18.05 -10.20
N LEU A 70 16.68 17.58 -10.14
CA LEU A 70 16.13 17.09 -8.86
C LEU A 70 16.97 15.93 -8.37
N LEU A 71 17.34 15.01 -9.30
CA LEU A 71 18.03 13.79 -8.86
C LEU A 71 19.42 14.15 -8.39
N SER A 72 19.96 15.13 -9.08
CA SER A 72 21.24 15.66 -8.70
C SER A 72 21.21 16.30 -7.31
N LEU A 73 20.18 17.08 -7.02
CA LEU A 73 20.02 17.69 -5.71
C LEU A 73 19.93 16.60 -4.63
N ILE A 74 19.16 15.56 -4.90
CA ILE A 74 19.02 14.49 -3.91
C ILE A 74 20.36 13.78 -3.65
N ALA A 75 21.09 13.50 -4.72
CA ALA A 75 22.38 12.85 -4.63
C ALA A 75 23.38 13.74 -3.87
N TYR A 76 23.42 15.03 -4.22
CA TYR A 76 24.26 15.97 -3.51
C TYR A 76 23.95 15.94 -2.01
N SER A 77 22.66 15.86 -1.65
CA SER A 77 22.26 15.85 -0.25
C SER A 77 22.68 14.54 0.45
N ASN A 78 22.38 13.44 -0.20
CA ASN A 78 22.72 12.12 0.32
C ASN A 78 24.24 11.98 0.51
N ASP A 79 25.04 12.53 -0.41
CA ASP A 79 26.48 12.57 -0.27
C ASP A 79 26.86 13.29 1.02
N ARG A 80 26.03 14.22 1.55
CA ARG A 80 26.35 14.88 2.82
C ARG A 80 25.50 14.34 3.98
N ASN A 81 24.96 13.15 3.78
CA ASN A 81 24.18 12.43 4.77
C ASN A 81 22.92 13.21 5.16
N ILE A 82 22.25 13.75 4.15
CA ILE A 82 21.07 14.54 4.39
C ILE A 82 19.97 13.89 3.58
N MET A 83 18.86 13.57 4.26
CA MET A 83 17.76 12.93 3.59
C MET A 83 16.86 14.02 2.98
N VAL A 84 16.31 13.73 1.79
CA VAL A 84 15.41 14.65 1.13
C VAL A 84 14.00 14.08 1.24
N ILE A 85 13.08 14.90 1.80
CA ILE A 85 11.72 14.47 2.05
C ILE A 85 10.82 15.19 1.05
N PRO A 86 10.21 14.48 0.09
CA PRO A 86 9.19 15.12 -0.73
C PRO A 86 7.98 15.52 0.10
N ASP A 87 7.41 16.67 -0.25
CA ASP A 87 6.19 17.22 0.34
C ASP A 87 5.21 17.59 -0.79
N ILE A 88 4.26 16.71 -1.03
CA ILE A 88 3.22 16.89 -1.98
C ILE A 88 1.88 16.99 -1.23
N ASP A 89 1.12 18.03 -1.50
CA ASP A 89 0.02 18.36 -0.64
C ASP A 89 -1.26 17.80 -1.22
N LEU A 90 -1.93 16.96 -0.42
CA LEU A 90 -3.25 16.43 -0.74
C LEU A 90 -4.17 16.59 0.49
N PRO A 91 -5.42 16.23 0.18
CA PRO A 91 -6.20 16.84 -0.89
C PRO A 91 -6.36 18.31 -1.29
N ALA A 92 -6.02 19.23 -0.38
CA ALA A 92 -6.17 20.63 -0.68
C ALA A 92 -4.79 21.14 -1.13
N HIS A 93 -4.65 22.46 -1.29
CA HIS A 93 -3.39 22.98 -1.79
C HIS A 93 -2.96 22.24 -3.05
N SER A 94 -3.92 21.91 -3.91
CA SER A 94 -3.71 21.09 -5.09
C SER A 94 -4.05 21.86 -6.38
N LYS A 95 -4.20 23.19 -6.35
CA LYS A 95 -4.70 23.89 -7.52
C LYS A 95 -3.68 23.83 -8.66
N GLY A 96 -2.39 23.78 -8.31
CA GLY A 96 -1.36 23.71 -9.37
C GLY A 96 -1.53 22.49 -10.28
N TRP A 97 -1.51 21.29 -9.68
CA TRP A 97 -1.65 20.10 -10.49
C TRP A 97 -3.10 19.91 -10.97
N LEU A 98 -4.08 20.35 -10.21
CA LEU A 98 -5.45 20.15 -10.65
C LEU A 98 -5.73 20.92 -11.93
N ASN A 99 -5.19 22.12 -11.98
CA ASN A 99 -5.36 22.98 -13.13
C ASN A 99 -4.67 22.40 -14.36
N ILE A 100 -3.61 21.63 -14.17
CA ILE A 100 -2.96 20.90 -15.27
C ILE A 100 -3.91 19.83 -15.73
N MET A 101 -4.46 19.07 -14.80
CA MET A 101 -5.46 18.08 -15.16
C MET A 101 -6.62 18.74 -15.91
N LYS A 102 -7.08 19.92 -15.51
CA LYS A 102 -8.16 20.58 -16.24
C LYS A 102 -7.81 20.78 -17.72
N GLU A 103 -6.57 21.15 -18.03
CA GLU A 103 -6.14 21.23 -19.43
C GLU A 103 -5.96 19.86 -20.03
N LYS A 104 -5.21 18.98 -19.37
CA LYS A 104 -4.80 17.71 -19.95
C LYS A 104 -6.03 16.85 -20.20
N ASP A 105 -6.98 16.76 -19.27
CA ASP A 105 -8.12 15.86 -19.49
C ASP A 105 -9.30 16.39 -18.71
N SER A 106 -10.15 17.19 -19.36
CA SER A 106 -11.17 17.90 -18.60
C SER A 106 -12.26 16.95 -18.11
N GLY A 107 -12.48 15.84 -18.79
CA GLY A 107 -13.40 14.79 -18.33
C GLY A 107 -12.96 14.26 -16.96
N LEU A 108 -11.68 13.92 -16.87
CA LEU A 108 -11.15 13.39 -15.62
C LEU A 108 -11.17 14.45 -14.53
N TYR A 109 -10.80 15.68 -14.89
CA TYR A 109 -10.84 16.81 -13.97
C TYR A 109 -12.21 16.92 -13.30
N THR A 110 -13.31 16.92 -14.06
CA THR A 110 -14.65 17.00 -13.51
C THR A 110 -14.90 15.87 -12.53
N ASP A 111 -14.37 14.68 -12.82
CA ASP A 111 -14.57 13.53 -11.96
C ASP A 111 -13.68 13.52 -10.72
N ILE A 112 -12.68 14.42 -10.55
CA ILE A 112 -11.82 14.32 -9.39
C ILE A 112 -11.83 15.57 -8.52
N VAL A 113 -12.37 16.69 -9.02
CA VAL A 113 -12.28 17.97 -8.31
C VAL A 113 -13.46 18.06 -7.32
N THR A 114 -13.28 18.71 -6.14
CA THR A 114 -14.44 18.98 -5.25
C THR A 114 -15.48 19.84 -6.01
N ASP A 115 -16.73 19.84 -5.53
CA ASP A 115 -17.83 20.60 -6.07
C ASP A 115 -17.54 22.10 -6.05
N TYR A 116 -16.99 22.65 -4.95
CA TYR A 116 -16.96 24.10 -4.79
C TYR A 116 -15.56 24.67 -4.55
N SER A 117 -14.48 23.87 -4.55
CA SER A 117 -13.11 24.30 -4.36
C SER A 117 -12.25 23.73 -5.50
N GLU A 118 -11.88 24.62 -6.44
CA GLU A 118 -10.87 24.42 -7.47
C GLU A 118 -9.51 23.96 -6.90
N ASP A 119 -9.24 24.12 -5.63
CA ASP A 119 -7.93 23.79 -5.11
C ASP A 119 -7.89 22.48 -4.33
N THR A 120 -9.00 21.75 -4.36
CA THR A 120 -9.14 20.56 -3.54
C THR A 120 -9.62 19.36 -4.35
N LEU A 121 -8.88 18.27 -4.17
CA LEU A 121 -9.28 16.98 -4.75
C LEU A 121 -10.47 16.45 -3.96
N ASP A 122 -11.43 15.82 -4.63
CA ASP A 122 -12.52 15.13 -3.98
C ASP A 122 -12.03 13.93 -3.17
N TYR A 123 -11.92 14.17 -1.85
CA TYR A 123 -11.52 13.19 -0.85
C TYR A 123 -12.75 12.52 -0.26
N HIS A 124 -13.91 12.82 -0.82
CA HIS A 124 -15.15 12.25 -0.32
C HIS A 124 -15.43 10.87 -0.94
N ASN A 125 -14.63 9.89 -0.56
CA ASN A 125 -14.93 8.54 -0.99
C ASN A 125 -15.06 8.45 -2.51
N ASN A 126 -14.17 9.12 -3.27
CA ASN A 126 -14.18 9.15 -4.73
C ASN A 126 -12.99 8.35 -5.30
N ALA A 127 -13.36 7.26 -5.98
CA ALA A 127 -12.46 6.24 -6.48
C ALA A 127 -11.49 6.79 -7.52
N VAL A 128 -12.05 7.52 -8.51
CA VAL A 128 -11.27 8.06 -9.62
C VAL A 128 -10.27 9.10 -9.11
N ALA A 129 -10.68 9.91 -8.13
CA ALA A 129 -9.81 10.90 -7.51
C ALA A 129 -8.65 10.20 -6.79
N LEU A 130 -8.94 9.12 -6.03
CA LEU A 130 -7.85 8.46 -5.34
C LEU A 130 -6.93 7.80 -6.37
N TYR A 131 -7.51 7.19 -7.41
CA TYR A 131 -6.72 6.50 -8.44
C TYR A 131 -5.74 7.51 -9.07
N THR A 132 -6.23 8.72 -9.36
CA THR A 132 -5.43 9.75 -10.01
C THR A 132 -4.32 10.23 -9.07
N ALA A 133 -4.69 10.52 -7.85
CA ALA A 133 -3.70 10.93 -6.89
C ALA A 133 -2.65 9.85 -6.73
N ASN A 134 -3.05 8.57 -6.68
CA ASN A 134 -2.06 7.52 -6.49
C ASN A 134 -1.05 7.45 -7.63
N GLN A 135 -1.47 7.72 -8.87
CA GLN A 135 -0.51 7.76 -9.99
C GLN A 135 0.53 8.81 -9.76
N LEU A 136 0.08 9.97 -9.28
CA LEU A 136 1.01 11.06 -9.06
C LEU A 136 1.94 10.70 -7.90
N LEU A 137 1.44 10.01 -6.91
CA LEU A 137 2.25 9.66 -5.75
C LEU A 137 3.27 8.58 -6.07
N ASP A 138 2.82 7.56 -6.80
CA ASP A 138 3.73 6.54 -7.32
C ASP A 138 4.94 7.19 -8.00
N GLU A 139 4.71 8.17 -8.88
CA GLU A 139 5.81 8.86 -9.56
C GLU A 139 6.75 9.51 -8.56
N VAL A 140 6.20 10.17 -7.52
CA VAL A 140 7.01 10.87 -6.56
C VAL A 140 7.85 9.90 -5.72
N LEU A 141 7.19 8.87 -5.17
CA LEU A 141 7.90 7.92 -4.34
C LEU A 141 9.07 7.29 -5.13
N ASP A 142 8.87 6.99 -6.41
CA ASP A 142 9.99 6.50 -7.26
C ASP A 142 11.09 7.55 -7.42
N LEU A 143 10.76 8.79 -7.86
CA LEU A 143 11.75 9.85 -8.03
C LEU A 143 12.57 10.05 -6.77
N PHE A 144 11.93 9.98 -5.60
CA PHE A 144 12.62 10.38 -4.37
C PHE A 144 13.33 9.19 -3.72
N TYR A 145 13.32 8.01 -4.38
CA TYR A 145 14.01 6.85 -3.83
C TYR A 145 15.46 7.18 -3.43
N GLN A 146 15.82 6.91 -2.18
CA GLN A 146 17.15 7.16 -1.64
C GLN A 146 17.66 5.92 -0.91
N PRO A 147 18.37 5.00 -1.61
CA PRO A 147 18.89 3.78 -1.00
C PRO A 147 19.70 4.02 0.28
N LYS A 148 20.44 5.13 0.37
CA LYS A 148 21.23 5.42 1.55
C LYS A 148 20.35 5.62 2.80
N PHE A 149 19.03 5.73 2.61
CA PHE A 149 18.10 5.92 3.71
C PHE A 149 16.96 4.90 3.67
N ALA A 150 17.17 3.71 3.07
CA ALA A 150 16.11 2.70 2.96
C ALA A 150 15.66 2.40 4.39
N GLY A 151 14.34 2.27 4.61
CA GLY A 151 13.79 2.03 5.94
C GLY A 151 13.70 3.30 6.80
N LYS A 152 14.16 4.45 6.33
CA LYS A 152 14.02 5.71 7.03
C LYS A 152 13.33 6.79 6.22
N GLN A 153 12.88 6.50 5.00
CA GLN A 153 12.35 7.52 4.12
C GLN A 153 11.00 7.98 4.64
N ARG A 154 10.72 9.28 4.52
CA ARG A 154 9.45 9.89 4.85
C ARG A 154 8.95 10.71 3.67
N ILE A 155 7.63 10.81 3.57
CA ILE A 155 6.96 11.68 2.61
C ILE A 155 5.87 12.49 3.35
N VAL A 156 5.81 13.78 3.04
CA VAL A 156 4.75 14.64 3.56
C VAL A 156 3.60 14.63 2.57
N LEU A 157 2.41 14.20 3.03
CA LEU A 157 1.29 13.99 2.11
C LEU A 157 0.27 15.14 2.20
N GLY A 158 0.59 16.14 3.04
CA GLY A 158 -0.21 17.36 3.16
C GLY A 158 -1.22 17.25 4.30
N GLY A 159 -2.51 17.33 3.95
CA GLY A 159 -3.54 17.36 4.96
C GLY A 159 -3.75 18.69 5.68
N ASP A 160 -3.13 19.79 5.24
CA ASP A 160 -3.39 21.09 5.84
C ASP A 160 -4.58 21.81 5.17
N GLU A 161 -5.36 22.49 6.02
CA GLU A 161 -6.38 23.48 5.67
C GLU A 161 -7.38 22.91 4.69
N VAL A 162 -7.93 21.77 5.06
CA VAL A 162 -8.72 21.04 4.11
C VAL A 162 -10.17 21.47 4.25
N PRO A 163 -10.79 22.04 3.21
CA PRO A 163 -12.19 22.44 3.32
C PRO A 163 -13.15 21.27 3.51
N GLY A 164 -14.09 21.48 4.42
CA GLY A 164 -15.06 20.45 4.72
C GLY A 164 -14.55 19.38 5.68
N SER A 165 -13.28 19.45 6.14
CA SER A 165 -12.74 18.33 6.89
C SER A 165 -13.33 18.17 8.30
N GLY A 166 -13.76 19.28 8.91
CA GLY A 166 -14.33 19.20 10.26
C GLY A 166 -15.69 18.52 10.21
N ALA A 167 -16.47 18.92 9.21
CA ALA A 167 -17.80 18.37 8.98
C ALA A 167 -17.77 17.02 8.27
N HIS A 168 -16.67 16.67 7.54
CA HIS A 168 -16.60 15.39 6.84
C HIS A 168 -15.30 14.66 7.23
N GLN A 169 -15.05 14.55 8.53
CA GLN A 169 -13.79 14.06 9.04
C GLN A 169 -13.58 12.60 8.69
N THR A 170 -14.67 11.83 8.67
CA THR A 170 -14.59 10.42 8.30
C THR A 170 -14.06 10.30 6.87
N ASP A 171 -14.61 11.04 5.92
CA ASP A 171 -14.07 11.02 4.56
C ASP A 171 -12.61 11.41 4.49
N PHE A 172 -12.23 12.39 5.28
CA PHE A 172 -10.93 12.97 5.25
C PHE A 172 -9.94 11.97 5.78
N ILE A 173 -10.27 11.35 6.90
CA ILE A 173 -9.34 10.41 7.51
C ILE A 173 -9.24 9.16 6.64
N ARG A 174 -10.33 8.73 6.02
CA ARG A 174 -10.28 7.56 5.18
C ARG A 174 -9.38 7.88 3.97
N PHE A 175 -9.51 9.09 3.42
CA PHE A 175 -8.68 9.49 2.29
C PHE A 175 -7.20 9.49 2.71
N MET A 176 -6.85 10.18 3.80
CA MET A 176 -5.45 10.19 4.23
C MET A 176 -4.94 8.76 4.45
N ASN A 177 -5.73 7.86 5.03
CA ASN A 177 -5.27 6.50 5.29
C ASN A 177 -4.99 5.75 3.97
N GLN A 178 -5.78 6.01 2.92
CA GLN A 178 -5.60 5.40 1.64
C GLN A 178 -4.28 5.84 1.02
N ILE A 179 -3.93 7.14 1.06
CA ILE A 179 -2.72 7.55 0.40
C ILE A 179 -1.56 7.17 1.33
N ALA A 180 -1.80 7.00 2.62
CA ALA A 180 -0.74 6.45 3.48
C ALA A 180 -0.35 5.01 3.09
N LYS A 181 -1.29 4.19 2.62
CA LYS A 181 -1.00 2.83 2.16
C LYS A 181 0.00 2.87 0.99
N THR A 182 -0.29 3.72 0.00
CA THR A 182 0.63 3.97 -1.09
C THR A 182 2.05 4.25 -0.58
N ALA A 183 2.20 5.21 0.30
CA ALA A 183 3.50 5.48 0.87
C ALA A 183 4.10 4.23 1.52
N LYS A 184 3.36 3.59 2.42
CA LYS A 184 3.85 2.42 3.15
C LYS A 184 4.20 1.24 2.25
N ALA A 185 3.44 1.00 1.19
CA ALA A 185 3.84 0.01 0.20
C ALA A 185 5.25 0.25 -0.38
N SER A 186 5.74 1.51 -0.39
CA SER A 186 7.07 1.81 -0.95
C SER A 186 8.09 1.95 0.18
N ASN A 187 7.65 1.59 1.38
CA ASN A 187 8.52 1.62 2.54
C ASN A 187 8.85 3.05 2.94
N TYR A 188 7.94 4.01 2.65
CA TYR A 188 8.07 5.36 3.19
C TYR A 188 7.13 5.52 4.38
N GLU A 189 7.61 6.25 5.41
CA GLU A 189 6.76 6.73 6.50
C GLU A 189 5.96 7.96 6.06
N PRO A 190 4.60 7.91 6.09
CA PRO A 190 3.80 9.07 5.71
C PRO A 190 3.71 10.12 6.83
N GLN A 191 3.67 11.40 6.44
CA GLN A 191 3.55 12.54 7.34
C GLN A 191 2.42 13.44 6.86
N MET A 192 1.78 14.15 7.79
CA MET A 192 0.76 15.14 7.46
C MET A 192 0.80 16.22 8.54
N TRP A 193 0.23 17.37 8.15
CA TRP A 193 0.13 18.51 9.04
C TRP A 193 -0.97 18.21 10.08
N ASN A 194 -0.98 18.96 11.20
CA ASN A 194 -1.87 18.61 12.33
C ASN A 194 -3.29 19.16 12.23
N ASP A 195 -3.46 20.21 11.42
CA ASP A 195 -4.49 21.19 11.67
C ASP A 195 -5.89 20.69 11.30
N SER A 196 -6.06 19.68 10.44
CA SER A 196 -7.39 19.31 9.93
C SER A 196 -7.91 18.03 10.60
N ILE A 197 -7.10 17.45 11.46
CA ILE A 197 -7.50 16.27 12.22
C ILE A 197 -8.26 16.77 13.44
N THR A 198 -9.46 16.22 13.64
CA THR A 198 -10.27 16.55 14.83
C THR A 198 -10.30 15.43 15.83
N PRO A 199 -10.68 15.70 17.11
CA PRO A 199 -10.87 14.64 18.10
C PRO A 199 -11.74 13.50 17.59
N GLU A 200 -12.72 13.78 16.74
CA GLU A 200 -13.57 12.74 16.19
C GLU A 200 -12.74 11.81 15.27
N GLY A 201 -11.71 12.34 14.58
CA GLY A 201 -11.03 11.64 13.51
C GLY A 201 -9.79 10.88 14.04
N ILE A 202 -9.20 11.37 15.12
CA ILE A 202 -7.87 10.85 15.42
C ILE A 202 -7.82 9.35 15.72
N GLN A 203 -8.84 8.82 16.40
CA GLN A 203 -8.91 7.41 16.75
C GLN A 203 -8.70 6.58 15.47
N ASN A 204 -9.12 7.05 14.29
CA ASN A 204 -9.09 6.21 13.11
C ASN A 204 -7.88 6.46 12.21
N LEU A 205 -7.01 7.39 12.55
CA LEU A 205 -5.90 7.75 11.67
C LEU A 205 -4.82 6.66 11.75
N ASP A 206 -4.29 6.27 10.61
CA ASP A 206 -3.29 5.21 10.59
C ASP A 206 -2.12 5.64 11.45
N ARG A 207 -1.67 4.75 12.35
CA ARG A 207 -0.64 5.06 13.35
C ARG A 207 0.76 5.09 12.77
N SER A 208 0.95 4.65 11.51
CA SER A 208 2.18 4.93 10.75
C SER A 208 2.47 6.42 10.53
N PHE A 209 1.45 7.30 10.58
CA PHE A 209 1.62 8.72 10.31
C PHE A 209 2.49 9.36 11.40
N SER A 210 3.35 10.29 11.04
CA SER A 210 3.87 11.25 11.98
C SER A 210 3.34 12.63 11.58
N ILE A 211 3.44 13.60 12.48
CA ILE A 211 2.62 14.77 12.38
C ILE A 211 3.50 16.01 12.39
N LEU A 212 3.26 16.91 11.43
CA LEU A 212 3.95 18.19 11.44
C LEU A 212 3.05 19.22 12.14
N TYR A 213 3.47 19.63 13.34
CA TYR A 213 2.62 20.39 14.24
C TYR A 213 3.00 21.85 14.14
N TRP A 214 2.19 22.59 13.36
CA TRP A 214 2.50 24.00 13.06
C TRP A 214 1.70 24.94 13.94
N LYS A 215 0.45 24.55 14.21
CA LYS A 215 -0.48 25.41 14.92
C LYS A 215 -1.70 24.65 15.43
N GLN A 216 -2.00 24.83 16.74
CA GLN A 216 -3.19 24.25 17.32
C GLN A 216 -4.42 24.88 16.68
N SER A 217 -5.31 24.03 16.18
CA SER A 217 -6.55 24.44 15.54
C SER A 217 -7.62 24.76 16.59
N THR A 218 -8.62 25.50 16.10
CA THR A 218 -9.90 25.73 16.76
C THR A 218 -11.00 25.07 15.93
N LEU A 219 -11.86 24.26 16.55
CA LEU A 219 -12.95 23.64 15.81
C LEU A 219 -13.92 24.71 15.35
N SER A 220 -14.74 24.34 14.37
CA SER A 220 -15.89 25.11 13.93
C SER A 220 -16.69 25.71 15.08
N ASN A 221 -16.84 24.95 16.16
CA ASN A 221 -17.78 25.27 17.22
C ASN A 221 -17.11 26.16 18.24
N GLY A 222 -15.85 26.53 18.07
CA GLY A 222 -15.16 27.33 19.07
C GLY A 222 -14.20 26.54 19.97
N ALA A 223 -14.35 25.23 20.08
CA ALA A 223 -13.54 24.48 21.02
C ALA A 223 -12.12 24.31 20.51
N GLN A 224 -11.19 24.15 21.45
CA GLN A 224 -9.79 23.88 21.15
C GLN A 224 -9.64 22.46 20.61
N SER A 225 -8.80 22.28 19.57
CA SER A 225 -8.62 20.96 18.95
C SER A 225 -7.35 20.31 19.50
N LEU A 226 -6.85 19.33 18.74
CA LEU A 226 -5.80 18.43 19.22
C LEU A 226 -4.51 19.16 19.56
N ASP A 227 -3.95 18.70 20.68
CA ASP A 227 -2.60 19.13 21.05
C ASP A 227 -1.68 17.90 20.98
N VAL A 228 -0.42 18.17 21.30
CA VAL A 228 0.68 17.21 21.17
C VAL A 228 0.41 16.02 22.09
N GLN A 229 -0.16 16.29 23.26
CA GLN A 229 -0.50 15.25 24.22
C GLN A 229 -1.52 14.30 23.61
N ASP A 230 -2.52 14.84 22.92
CA ASP A 230 -3.51 13.99 22.26
C ASP A 230 -2.88 13.06 21.20
N PHE A 231 -1.92 13.58 20.37
CA PHE A 231 -1.14 12.75 19.43
C PHE A 231 -0.33 11.68 20.19
N GLU A 232 0.37 12.05 21.28
CA GLU A 232 0.99 11.11 22.20
C GLU A 232 0.05 9.97 22.58
N GLU A 233 -1.14 10.32 23.07
CA GLU A 233 -2.10 9.32 23.50
C GLU A 233 -2.50 8.45 22.33
N ASN A 234 -2.30 8.88 21.10
CA ASN A 234 -2.75 8.01 20.02
C ASN A 234 -1.56 7.32 19.37
N GLY A 235 -0.37 7.48 19.97
CA GLY A 235 0.83 6.79 19.52
C GLY A 235 1.44 7.43 18.27
N LEU A 236 1.22 8.73 18.09
CA LEU A 236 1.62 9.45 16.89
C LEU A 236 2.77 10.36 17.28
N SER A 237 3.88 10.22 16.55
CA SER A 237 5.05 11.08 16.66
C SER A 237 4.73 12.46 16.07
N VAL A 238 5.51 13.45 16.49
CA VAL A 238 5.21 14.83 16.19
C VAL A 238 6.50 15.55 15.90
N TYR A 239 6.47 16.49 14.93
CA TYR A 239 7.58 17.39 14.72
C TYR A 239 7.07 18.81 14.92
N ASN A 240 7.95 19.67 15.47
CA ASN A 240 7.62 21.06 15.75
C ASN A 240 7.86 21.95 14.53
N TYR A 241 6.76 22.47 13.93
CA TYR A 241 6.81 23.40 12.82
C TYR A 241 6.11 24.72 13.20
N ASN A 242 6.22 25.11 14.47
CA ASN A 242 5.71 26.35 15.06
C ASN A 242 5.55 27.49 14.05
N ALA A 243 4.31 27.92 13.81
CA ALA A 243 4.03 28.86 12.75
C ALA A 243 4.54 30.27 13.06
N TYR A 244 4.96 30.58 14.30
CA TYR A 244 5.56 31.88 14.61
C TYR A 244 7.09 31.77 14.67
N SER A 245 7.62 30.85 15.45
CA SER A 245 9.05 30.85 15.67
C SER A 245 9.81 30.21 14.51
N LEU A 246 9.12 29.41 13.68
CA LEU A 246 9.78 28.58 12.68
C LEU A 246 9.19 28.74 11.28
N TYR A 247 8.31 29.74 11.05
CA TYR A 247 7.87 30.10 9.70
C TYR A 247 8.56 31.39 9.24
N PHE A 248 9.16 31.46 8.06
CA PHE A 248 9.72 32.73 7.61
C PHE A 248 9.44 32.94 6.14
N LEU A 249 9.10 34.17 5.78
CA LEU A 249 8.70 34.46 4.41
C LEU A 249 9.66 35.43 3.77
N PRO A 250 10.69 34.95 3.04
CA PRO A 250 11.63 35.85 2.39
C PRO A 250 10.94 36.82 1.45
N SER A 251 11.50 38.03 1.35
CA SER A 251 10.92 39.16 0.65
C SER A 251 11.97 40.25 0.46
N THR A 252 11.87 40.96 -0.66
CA THR A 252 12.70 42.13 -0.94
C THR A 252 12.39 43.26 0.02
N ARG A 253 11.34 43.12 0.84
CA ARG A 253 11.01 44.17 1.78
C ARG A 253 11.88 44.07 3.02
N PHE A 254 12.76 43.08 3.14
CA PHE A 254 13.58 42.97 4.32
C PHE A 254 14.98 43.51 4.06
N THR A 255 15.51 44.28 5.02
CA THR A 255 16.92 44.62 5.08
C THR A 255 17.65 43.49 5.80
N GLN A 256 18.98 43.55 5.78
CA GLN A 256 19.77 42.60 6.56
C GLN A 256 19.57 42.83 8.06
N GLU A 257 19.31 44.08 8.46
CA GLU A 257 19.12 44.33 9.87
C GLU A 257 17.78 43.69 10.29
N ASP A 258 16.74 43.70 9.42
CA ASP A 258 15.50 42.97 9.67
C ASP A 258 15.77 41.47 9.85
N ILE A 259 16.57 40.88 8.96
CA ILE A 259 16.96 39.49 9.16
C ILE A 259 17.64 39.28 10.53
N THR A 260 18.48 40.23 11.01
CA THR A 260 19.10 40.04 12.32
C THR A 260 18.03 40.08 13.42
N GLU A 261 17.01 40.91 13.27
CA GLU A 261 15.94 40.93 14.26
C GLU A 261 15.17 39.60 14.24
N GLN A 262 15.01 39.00 13.06
CA GLN A 262 14.37 37.69 12.97
C GLN A 262 15.17 36.65 13.74
N ILE A 263 16.50 36.66 13.56
CA ILE A 263 17.41 35.80 14.29
C ILE A 263 17.26 36.02 15.80
N ASP A 264 17.30 37.30 16.23
CA ASP A 264 17.21 37.69 17.64
C ASP A 264 15.89 37.15 18.23
N TYR A 265 14.79 37.25 17.46
CA TYR A 265 13.48 36.74 17.85
C TYR A 265 13.48 35.22 18.01
N MET A 266 13.93 34.57 16.94
CA MET A 266 14.00 33.12 16.93
C MET A 266 14.89 32.65 18.09
N LYS A 267 15.93 33.43 18.47
CA LYS A 267 16.79 32.99 19.57
C LYS A 267 15.99 32.85 20.86
N TRP A 268 14.99 33.67 21.17
CA TRP A 268 14.26 33.36 22.40
C TRP A 268 12.96 32.58 22.14
N ALA A 269 12.31 32.70 20.97
CA ALA A 269 11.00 32.05 20.80
C ALA A 269 11.10 30.54 20.55
N TYR A 270 12.13 30.13 19.79
CA TYR A 270 12.31 28.75 19.36
C TYR A 270 12.87 27.86 20.45
N ALA A 271 12.21 26.74 20.70
CA ALA A 271 12.85 25.52 21.18
C ALA A 271 12.22 24.32 20.48
N TYR A 272 12.96 23.21 20.43
CA TYR A 272 12.55 22.06 19.64
C TYR A 272 11.18 21.59 20.11
N ASN A 273 10.86 21.87 21.37
CA ASN A 273 9.62 21.38 21.91
C ASN A 273 8.73 22.50 22.42
N LYS A 274 8.86 23.72 21.89
CA LYS A 274 7.89 24.77 22.15
C LYS A 274 6.93 24.99 20.98
N PHE A 275 5.68 24.58 21.17
CA PHE A 275 4.69 24.45 20.13
C PHE A 275 3.67 25.59 20.21
N PHE A 276 2.95 25.81 19.10
CA PHE A 276 2.07 26.96 18.96
C PHE A 276 0.67 26.54 19.37
N TYR A 277 0.33 26.79 20.64
CA TYR A 277 -0.97 26.46 21.19
C TYR A 277 -1.81 27.72 21.21
N ILE A 278 -3.13 27.57 21.29
CA ILE A 278 -4.00 28.72 21.25
C ILE A 278 -3.63 29.66 22.41
N SER A 279 -3.54 29.04 23.58
CA SER A 279 -3.37 29.72 24.83
C SER A 279 -1.90 30.12 25.07
N ASP A 280 -0.95 29.57 24.30
CA ASP A 280 0.46 29.87 24.53
C ASP A 280 1.25 29.55 23.25
N TYR A 281 1.82 30.60 22.62
CA TYR A 281 2.51 30.49 21.36
C TYR A 281 3.76 29.61 21.45
N TYR A 282 4.43 29.58 22.60
CA TYR A 282 5.69 28.87 22.73
C TYR A 282 5.58 27.91 23.91
N LYS A 283 4.59 27.05 23.86
CA LYS A 283 4.29 26.15 24.93
C LYS A 283 5.26 24.99 24.93
N GLN A 284 6.04 24.84 26.01
CA GLN A 284 6.93 23.72 26.14
C GLN A 284 6.18 22.43 26.44
N VAL A 285 6.33 21.42 25.59
CA VAL A 285 5.68 20.14 25.75
C VAL A 285 6.77 19.05 25.85
N ASP A 286 6.66 18.20 26.86
CA ASP A 286 7.74 17.30 27.27
C ASP A 286 7.39 15.84 27.01
N THR A 287 6.44 15.55 26.13
CA THR A 287 6.09 14.17 25.84
C THR A 287 7.19 13.48 25.02
N PRO A 288 7.30 12.15 25.12
CA PRO A 288 8.35 11.43 24.40
C PRO A 288 8.16 11.25 22.88
N ASN A 289 7.04 11.73 22.32
CA ASN A 289 6.67 11.53 20.93
C ASN A 289 7.17 12.69 20.04
N VAL A 290 7.90 13.65 20.59
CA VAL A 290 8.51 14.71 19.81
C VAL A 290 9.82 14.23 19.19
N LYS A 291 9.93 14.27 17.85
CA LYS A 291 11.07 13.69 17.15
C LYS A 291 11.96 14.74 16.50
N GLY A 292 11.50 16.00 16.44
CA GLY A 292 12.36 17.07 15.92
C GLY A 292 11.60 18.32 15.57
N SER A 293 12.22 19.15 14.70
CA SER A 293 11.74 20.48 14.38
C SER A 293 12.27 20.89 13.02
N SER A 294 11.59 21.85 12.39
CA SER A 294 11.98 22.36 11.09
C SER A 294 11.68 23.86 11.02
N LEU A 295 12.65 24.62 10.54
CA LEU A 295 12.44 25.96 10.02
C LEU A 295 11.89 25.85 8.59
N VAL A 296 10.86 26.64 8.26
CA VAL A 296 10.18 26.57 6.97
C VAL A 296 10.30 27.92 6.29
N PHE A 297 10.77 27.95 5.01
CA PHE A 297 10.81 29.16 4.19
C PHE A 297 9.69 29.06 3.15
N TRP A 298 8.59 29.74 3.45
CA TRP A 298 7.50 29.89 2.52
C TRP A 298 7.81 30.97 1.49
N GLY A 299 7.21 30.84 0.30
CA GLY A 299 7.63 31.63 -0.84
C GLY A 299 6.65 32.71 -1.28
N GLU A 300 5.51 32.83 -0.60
CA GLU A 300 4.43 33.75 -1.02
C GLU A 300 4.96 35.18 -1.20
N HIS A 301 5.96 35.62 -0.44
CA HIS A 301 6.32 37.04 -0.53
C HIS A 301 7.63 37.27 -1.29
N ALA A 302 8.13 36.24 -2.00
CA ALA A 302 9.49 36.23 -2.53
C ALA A 302 9.54 36.53 -4.04
N ASN A 303 8.47 37.10 -4.56
CA ASN A 303 8.18 37.19 -5.98
C ASN A 303 9.39 37.67 -6.76
N ASP A 304 9.93 38.85 -6.43
CA ASP A 304 11.08 39.32 -7.18
C ASP A 304 12.37 39.33 -6.37
N LEU A 305 12.49 38.58 -5.26
CA LEU A 305 13.80 38.32 -4.73
C LEU A 305 14.66 37.65 -5.79
N SER A 306 15.92 38.08 -5.86
CA SER A 306 16.94 37.43 -6.66
C SER A 306 17.36 36.17 -5.92
N GLN A 307 18.01 35.27 -6.63
CA GLN A 307 18.55 34.09 -5.99
C GLN A 307 19.56 34.48 -4.92
N GLU A 308 20.39 35.48 -5.18
CA GLU A 308 21.36 35.89 -4.18
C GLU A 308 20.61 36.36 -2.93
N GLY A 309 19.53 37.12 -3.13
CA GLY A 309 18.73 37.65 -2.04
C GLY A 309 18.07 36.55 -1.22
N LEU A 310 17.65 35.45 -1.90
CA LEU A 310 17.14 34.30 -1.19
C LEU A 310 18.18 33.81 -0.22
N LEU A 311 19.41 33.67 -0.71
CA LEU A 311 20.49 33.12 0.09
C LEU A 311 20.89 34.06 1.20
N LYS A 312 20.95 35.36 0.92
CA LYS A 312 21.29 36.38 1.89
C LYS A 312 20.36 36.32 3.10
N GLN A 313 19.06 36.09 2.86
CA GLN A 313 18.10 35.98 3.95
C GLN A 313 18.16 34.59 4.61
N GLU A 314 18.24 33.52 3.80
CA GLU A 314 18.02 32.18 4.32
C GLU A 314 19.24 31.61 5.03
N LYS A 315 20.45 31.85 4.51
CA LYS A 315 21.64 31.18 5.01
C LYS A 315 21.80 31.50 6.51
N PRO A 316 21.73 32.79 6.92
CA PRO A 316 21.81 33.18 8.34
C PRO A 316 20.77 32.53 9.25
N LEU A 317 19.55 32.39 8.73
CA LEU A 317 18.49 31.80 9.53
C LEU A 317 18.70 30.29 9.66
N ILE A 318 19.12 29.65 8.57
CA ILE A 318 19.47 28.23 8.64
C ILE A 318 20.56 28.02 9.70
N GLN A 319 21.62 28.82 9.67
CA GLN A 319 22.78 28.61 10.53
C GLN A 319 22.38 28.73 12.00
N ASN A 320 21.57 29.74 12.25
CA ASN A 320 21.18 30.03 13.62
C ASN A 320 20.29 28.91 14.16
N PHE A 321 19.25 28.56 13.36
CA PHE A 321 18.30 27.53 13.74
C PHE A 321 19.01 26.20 14.02
N LEU A 322 19.89 25.77 13.13
CA LEU A 322 20.57 24.50 13.30
C LEU A 322 21.55 24.55 14.46
N GLY A 323 21.90 25.73 14.97
CA GLY A 323 22.71 25.83 16.18
C GLY A 323 21.91 25.82 17.49
N LEU A 324 20.63 26.21 17.53
CA LEU A 324 19.93 26.42 18.80
C LEU A 324 19.50 25.12 19.50
N ASP B 2 15.32 -25.44 4.11
CA ASP B 2 13.98 -25.30 4.70
C ASP B 2 13.00 -25.11 3.54
N GLN B 3 12.26 -26.18 3.19
CA GLN B 3 11.16 -26.12 2.24
C GLN B 3 9.83 -26.10 2.99
N GLU B 4 8.95 -25.12 2.77
CA GLU B 4 7.70 -25.16 3.50
C GLU B 4 6.72 -26.17 2.87
N LYS B 5 5.84 -26.75 3.69
CA LYS B 5 4.75 -27.54 3.14
C LYS B 5 3.43 -26.99 3.65
N GLY B 6 2.46 -26.82 2.72
CA GLY B 6 1.14 -26.32 3.03
C GLY B 6 0.03 -27.30 2.62
N ILE B 7 -1.14 -27.18 3.24
CA ILE B 7 -2.36 -27.75 2.72
C ILE B 7 -3.22 -26.60 2.25
N THR B 8 -3.83 -26.71 1.08
CA THR B 8 -4.75 -25.72 0.56
C THR B 8 -6.14 -26.35 0.53
N ILE B 9 -7.11 -25.69 1.19
CA ILE B 9 -8.49 -26.11 1.14
C ILE B 9 -9.37 -25.11 0.39
N ASP B 10 -10.08 -25.60 -0.62
CA ASP B 10 -11.14 -24.86 -1.29
C ASP B 10 -12.48 -24.99 -0.53
N ILE B 11 -12.88 -23.93 0.18
CA ILE B 11 -14.14 -23.87 0.89
C ILE B 11 -15.15 -23.08 0.07
N SER B 12 -14.73 -22.50 -1.08
CA SER B 12 -15.66 -21.78 -1.90
C SER B 12 -16.66 -22.76 -2.51
N ARG B 13 -16.15 -23.88 -2.97
CA ARG B 13 -16.98 -24.85 -3.72
C ARG B 13 -17.61 -25.87 -2.77
N LYS B 14 -17.13 -25.96 -1.53
CA LYS B 14 -17.63 -26.95 -0.57
C LYS B 14 -17.50 -26.42 0.86
N TYR B 15 -18.58 -26.53 1.64
CA TYR B 15 -18.56 -26.13 3.05
C TYR B 15 -17.81 -27.11 3.93
N TYR B 16 -16.83 -26.62 4.65
CA TYR B 16 -16.19 -27.36 5.73
C TYR B 16 -16.59 -26.75 7.08
N SER B 17 -17.11 -27.55 7.98
CA SER B 17 -17.48 -27.09 9.31
C SER B 17 -16.19 -26.74 10.07
N ILE B 18 -16.29 -25.90 11.10
CA ILE B 18 -15.15 -25.52 11.93
C ILE B 18 -14.48 -26.76 12.53
N LYS B 19 -15.27 -27.79 12.82
CA LYS B 19 -14.73 -29.02 13.40
C LYS B 19 -13.83 -29.73 12.40
N THR B 20 -14.34 -29.90 11.17
CA THR B 20 -13.52 -30.46 10.11
C THR B 20 -12.21 -29.67 9.97
N LEU B 21 -12.28 -28.33 9.85
CA LEU B 21 -11.08 -27.51 9.63
C LEU B 21 -10.10 -27.59 10.79
N LYS B 22 -10.58 -27.64 12.02
CA LYS B 22 -9.64 -27.77 13.13
C LYS B 22 -9.00 -29.16 13.14
N ALA B 23 -9.77 -30.19 12.76
CA ALA B 23 -9.19 -31.53 12.65
C ALA B 23 -8.14 -31.57 11.54
N ILE B 24 -8.34 -30.84 10.44
CA ILE B 24 -7.32 -30.78 9.39
C ILE B 24 -6.07 -30.11 9.98
N VAL B 25 -6.28 -29.02 10.73
CA VAL B 25 -5.14 -28.34 11.33
C VAL B 25 -4.42 -29.25 12.32
N ASP B 26 -5.11 -30.14 13.03
CA ASP B 26 -4.47 -31.13 13.89
C ASP B 26 -3.51 -32.00 13.08
N GLU B 27 -3.98 -32.51 11.96
CA GLU B 27 -3.15 -33.24 11.03
C GLU B 27 -1.91 -32.46 10.65
N ILE B 28 -2.10 -31.22 10.22
CA ILE B 28 -1.03 -30.40 9.70
C ILE B 28 0.00 -30.27 10.81
N SER B 29 -0.47 -30.05 12.03
CA SER B 29 0.37 -29.85 13.19
C SER B 29 1.14 -31.14 13.52
N ALA B 30 0.40 -32.24 13.69
CA ALA B 30 1.03 -33.49 14.08
C ALA B 30 2.11 -33.88 13.08
N ASN B 31 1.97 -33.47 11.83
CA ASN B 31 2.83 -34.00 10.78
C ASN B 31 3.86 -32.96 10.33
N GLY B 32 4.00 -31.85 11.05
CA GLY B 32 5.03 -30.86 10.75
C GLY B 32 4.77 -29.94 9.55
N GLY B 33 3.50 -29.78 9.17
CA GLY B 33 3.15 -28.80 8.14
C GLY B 33 3.41 -27.35 8.57
N ASP B 34 3.46 -26.42 7.60
CA ASP B 34 3.73 -25.03 7.89
C ASP B 34 2.48 -24.16 7.78
N TYR B 35 1.59 -24.47 6.86
CA TYR B 35 0.55 -23.51 6.56
C TYR B 35 -0.68 -24.21 6.01
N LEU B 36 -1.78 -23.49 6.23
CA LEU B 36 -3.10 -23.81 5.72
C LEU B 36 -3.54 -22.63 4.86
N GLN B 37 -3.69 -22.87 3.57
CA GLN B 37 -4.17 -21.86 2.63
C GLN B 37 -5.67 -22.06 2.51
N LEU B 38 -6.45 -21.05 2.88
CA LEU B 38 -7.89 -21.10 2.77
C LEU B 38 -8.39 -20.39 1.52
N HIS B 39 -8.83 -21.19 0.53
CA HIS B 39 -9.36 -20.69 -0.74
C HIS B 39 -10.85 -20.46 -0.58
N PHE B 40 -11.26 -19.23 -0.27
CA PHE B 40 -12.64 -19.00 0.16
C PHE B 40 -13.44 -18.14 -0.78
N SER B 41 -12.88 -17.69 -1.91
CA SER B 41 -13.59 -16.84 -2.85
C SER B 41 -13.36 -17.38 -4.25
N ASP B 42 -14.44 -17.76 -4.91
CA ASP B 42 -14.34 -18.28 -6.27
C ASP B 42 -15.67 -18.02 -6.97
N ASN B 43 -15.93 -18.66 -8.09
CA ASN B 43 -17.15 -18.33 -8.81
C ASN B 43 -18.42 -18.81 -8.09
N GLU B 44 -18.28 -19.87 -7.29
CA GLU B 44 -19.42 -20.50 -6.64
C GLU B 44 -19.85 -19.73 -5.41
N SER B 45 -18.96 -19.16 -4.62
CA SER B 45 -19.38 -18.51 -3.41
C SER B 45 -18.23 -17.70 -2.88
N TYR B 46 -18.60 -16.82 -1.94
CA TYR B 46 -17.66 -16.20 -1.03
C TYR B 46 -17.96 -16.78 0.34
N ALA B 47 -16.97 -17.53 0.87
CA ALA B 47 -17.32 -18.53 1.89
C ALA B 47 -16.87 -18.12 3.31
N ILE B 48 -16.58 -16.83 3.54
CA ILE B 48 -16.43 -16.28 4.88
C ILE B 48 -17.31 -15.04 5.02
N ALA B 49 -17.56 -14.75 6.29
CA ALA B 49 -18.29 -13.56 6.69
C ALA B 49 -17.57 -12.32 6.14
N SER B 50 -18.42 -11.36 5.80
CA SER B 50 -17.97 -10.11 5.21
C SER B 50 -19.01 -9.02 5.49
N GLU B 51 -18.53 -8.01 6.20
CA GLU B 51 -19.33 -6.79 6.41
C GLU B 51 -19.50 -6.11 5.04
N PHE B 52 -18.43 -6.01 4.24
CA PHE B 52 -18.56 -5.36 2.95
C PHE B 52 -19.67 -5.99 2.11
N LEU B 53 -19.76 -7.32 2.10
CA LEU B 53 -20.66 -8.03 1.21
C LEU B 53 -21.99 -8.38 1.92
N GLY B 54 -22.16 -7.93 3.17
CA GLY B 54 -23.43 -8.19 3.85
C GLY B 54 -23.58 -9.64 4.31
N GLN B 55 -22.49 -10.38 4.51
CA GLN B 55 -22.57 -11.70 5.13
C GLN B 55 -22.14 -11.54 6.60
N ASN B 56 -23.10 -11.16 7.45
CA ASN B 56 -22.81 -10.87 8.86
C ASN B 56 -23.40 -11.88 9.84
N SER B 57 -24.08 -12.95 9.39
CA SER B 57 -24.62 -13.88 10.37
C SER B 57 -23.54 -14.37 11.35
N GLU B 58 -23.90 -14.37 12.65
CA GLU B 58 -23.09 -14.91 13.72
C GLU B 58 -23.54 -16.32 14.06
N ASN B 59 -24.51 -16.86 13.32
CA ASN B 59 -24.85 -18.28 13.46
C ASN B 59 -24.17 -19.15 12.41
N PRO B 60 -23.71 -20.35 12.79
CA PRO B 60 -23.20 -21.33 11.82
C PRO B 60 -24.30 -21.58 10.79
N ASN B 61 -23.84 -21.73 9.55
CA ASN B 61 -24.72 -21.98 8.42
C ASN B 61 -23.89 -22.71 7.36
N SER B 62 -24.52 -23.04 6.23
CA SER B 62 -23.82 -23.79 5.20
C SER B 62 -23.32 -22.91 4.02
N ALA B 63 -23.45 -21.60 4.10
CA ALA B 63 -22.96 -20.70 3.05
C ALA B 63 -21.59 -20.10 3.43
N TYR B 64 -21.32 -19.81 4.69
CA TYR B 64 -20.04 -19.21 5.03
C TYR B 64 -19.70 -19.41 6.52
N LEU B 65 -18.40 -19.48 6.81
CA LEU B 65 -17.92 -19.44 8.18
C LEU B 65 -18.19 -18.05 8.77
N THR B 66 -18.60 -18.03 10.04
CA THR B 66 -18.85 -16.79 10.75
C THR B 66 -17.50 -16.20 11.07
N LYS B 67 -17.51 -14.92 11.44
CA LYS B 67 -16.33 -14.24 11.86
C LYS B 67 -15.74 -14.97 13.06
N LYS B 68 -16.57 -15.36 14.03
CA LYS B 68 -16.04 -16.00 15.24
C LYS B 68 -15.41 -17.35 14.94
N GLU B 69 -16.07 -18.16 14.10
CA GLU B 69 -15.51 -19.46 13.68
C GLU B 69 -14.15 -19.24 12.99
N LEU B 70 -14.07 -18.27 12.09
CA LEU B 70 -12.86 -18.07 11.32
C LEU B 70 -11.74 -17.65 12.25
N LEU B 71 -12.05 -16.80 13.22
CA LEU B 71 -11.02 -16.27 14.09
C LEU B 71 -10.56 -17.37 15.04
N SER B 72 -11.52 -18.19 15.41
CA SER B 72 -11.25 -19.35 16.23
C SER B 72 -10.29 -20.32 15.52
N LEU B 73 -10.56 -20.60 14.24
CA LEU B 73 -9.72 -21.43 13.42
C LEU B 73 -8.32 -20.85 13.34
N ILE B 74 -8.19 -19.55 13.16
CA ILE B 74 -6.88 -18.94 13.03
C ILE B 74 -6.06 -19.07 14.34
N ALA B 75 -6.77 -18.79 15.45
CA ALA B 75 -6.19 -18.92 16.78
C ALA B 75 -5.73 -20.35 17.05
N TYR B 76 -6.60 -21.31 16.74
CA TYR B 76 -6.27 -22.72 16.92
C TYR B 76 -5.00 -23.07 16.14
N SER B 77 -4.87 -22.52 14.91
CA SER B 77 -3.74 -22.83 14.04
C SER B 77 -2.47 -22.24 14.64
N ASN B 78 -2.58 -20.98 14.99
CA ASN B 78 -1.41 -20.25 15.46
C ASN B 78 -0.92 -20.88 16.77
N ASP B 79 -1.84 -21.30 17.65
CA ASP B 79 -1.46 -22.07 18.83
C ASP B 79 -0.61 -23.28 18.47
N ARG B 80 -0.77 -23.88 17.27
CA ARG B 80 0.05 -25.04 16.89
C ARG B 80 1.14 -24.67 15.90
N ASN B 81 1.44 -23.38 15.84
CA ASN B 81 2.54 -22.84 15.03
C ASN B 81 2.24 -23.01 13.56
N ILE B 82 0.98 -22.84 13.15
CA ILE B 82 0.63 -22.96 11.75
C ILE B 82 0.05 -21.63 11.30
N MET B 83 0.58 -21.12 10.18
CA MET B 83 0.14 -19.87 9.64
C MET B 83 -1.04 -20.14 8.72
N VAL B 84 -2.05 -19.27 8.79
CA VAL B 84 -3.18 -19.30 7.88
C VAL B 84 -3.02 -18.26 6.78
N ILE B 85 -3.08 -18.71 5.53
CA ILE B 85 -2.93 -17.83 4.41
C ILE B 85 -4.28 -17.68 3.76
N PRO B 86 -4.89 -16.48 3.79
CA PRO B 86 -6.10 -16.26 3.02
C PRO B 86 -5.78 -16.30 1.53
N ASP B 87 -6.73 -16.82 0.77
CA ASP B 87 -6.64 -16.91 -0.68
C ASP B 87 -7.97 -16.38 -1.25
N ILE B 88 -7.93 -15.15 -1.73
CA ILE B 88 -9.04 -14.51 -2.40
C ILE B 88 -8.65 -14.30 -3.86
N ASP B 89 -9.50 -14.72 -4.77
CA ASP B 89 -9.15 -14.71 -6.17
C ASP B 89 -9.60 -13.42 -6.87
N LEU B 90 -8.61 -12.68 -7.43
CA LEU B 90 -8.88 -11.54 -8.28
C LEU B 90 -8.04 -11.72 -9.54
N PRO B 91 -8.40 -11.16 -10.68
CA PRO B 91 -9.67 -10.50 -10.91
C PRO B 91 -10.75 -11.46 -11.39
N ALA B 92 -10.32 -12.66 -11.78
CA ALA B 92 -11.26 -13.66 -12.25
C ALA B 92 -11.65 -14.56 -11.09
N HIS B 93 -12.36 -15.68 -11.37
CA HIS B 93 -12.88 -16.52 -10.31
C HIS B 93 -13.56 -15.65 -9.23
N SER B 94 -14.30 -14.61 -9.67
CA SER B 94 -14.90 -13.64 -8.78
C SER B 94 -16.42 -13.58 -8.87
N LYS B 95 -17.06 -14.57 -9.49
CA LYS B 95 -18.50 -14.50 -9.70
C LYS B 95 -19.26 -14.58 -8.37
N GLY B 96 -18.66 -15.19 -7.35
CA GLY B 96 -19.31 -15.32 -6.05
C GLY B 96 -19.64 -13.96 -5.44
N TRP B 97 -18.59 -13.18 -5.19
CA TRP B 97 -18.77 -11.89 -4.62
C TRP B 97 -19.36 -10.90 -5.64
N LEU B 98 -19.07 -11.05 -6.94
CA LEU B 98 -19.60 -10.05 -7.84
C LEU B 98 -21.13 -10.21 -7.92
N ASN B 99 -21.63 -11.43 -7.87
CA ASN B 99 -23.07 -11.67 -7.84
C ASN B 99 -23.73 -11.10 -6.59
N ILE B 100 -22.99 -11.03 -5.47
CA ILE B 100 -23.50 -10.36 -4.28
C ILE B 100 -23.59 -8.87 -4.55
N MET B 101 -22.51 -8.26 -5.08
CA MET B 101 -22.53 -6.87 -5.49
C MET B 101 -23.72 -6.61 -6.41
N LYS B 102 -23.99 -7.49 -7.38
CA LYS B 102 -25.11 -7.28 -8.29
C LYS B 102 -26.40 -7.07 -7.50
N GLU B 103 -26.66 -7.88 -6.47
CA GLU B 103 -27.84 -7.68 -5.62
C GLU B 103 -27.72 -6.45 -4.74
N LYS B 104 -26.59 -6.27 -4.04
CA LYS B 104 -26.40 -5.24 -3.06
C LYS B 104 -26.48 -3.87 -3.73
N ASP B 105 -25.83 -3.66 -4.87
CA ASP B 105 -25.72 -2.33 -5.46
C ASP B 105 -25.49 -2.48 -6.96
N SER B 106 -26.58 -2.51 -7.70
CA SER B 106 -26.51 -2.88 -9.10
C SER B 106 -25.75 -1.83 -9.91
N GLY B 107 -25.83 -0.55 -9.48
CA GLY B 107 -25.11 0.49 -10.15
C GLY B 107 -23.61 0.25 -10.08
N LEU B 108 -23.10 -0.02 -8.88
CA LEU B 108 -21.68 -0.28 -8.71
C LEU B 108 -21.27 -1.54 -9.47
N TYR B 109 -22.10 -2.56 -9.43
CA TYR B 109 -21.86 -3.78 -10.16
C TYR B 109 -21.57 -3.49 -11.64
N THR B 110 -22.43 -2.73 -12.31
CA THR B 110 -22.23 -2.50 -13.74
C THR B 110 -20.95 -1.71 -13.97
N ASP B 111 -20.54 -0.86 -13.03
CA ASP B 111 -19.29 -0.13 -13.12
C ASP B 111 -18.02 -0.96 -12.80
N ILE B 112 -18.11 -2.20 -12.31
CA ILE B 112 -16.90 -2.91 -11.95
C ILE B 112 -16.76 -4.24 -12.67
N VAL B 113 -17.83 -4.76 -13.30
CA VAL B 113 -17.79 -6.08 -13.91
C VAL B 113 -17.22 -5.95 -15.33
N THR B 114 -16.38 -6.91 -15.77
CA THR B 114 -15.82 -6.92 -17.11
C THR B 114 -16.96 -7.08 -18.09
N ASP B 115 -16.93 -6.33 -19.19
CA ASP B 115 -17.85 -6.48 -20.33
C ASP B 115 -17.79 -7.94 -20.84
N TYR B 116 -18.94 -8.65 -20.88
CA TYR B 116 -19.06 -10.02 -21.38
C TYR B 116 -18.40 -11.09 -20.49
N SER B 117 -18.12 -10.81 -19.20
CA SER B 117 -17.46 -11.76 -18.31
C SER B 117 -18.01 -11.56 -16.91
N GLU B 118 -19.20 -12.13 -16.62
CA GLU B 118 -19.83 -12.19 -15.30
C GLU B 118 -18.90 -12.63 -14.16
N ASP B 119 -17.71 -13.18 -14.42
CA ASP B 119 -16.93 -13.81 -13.38
C ASP B 119 -15.65 -13.04 -13.12
N THR B 120 -15.48 -11.92 -13.82
CA THR B 120 -14.21 -11.21 -13.76
C THR B 120 -14.43 -9.74 -13.45
N LEU B 121 -13.70 -9.27 -12.44
CA LEU B 121 -13.66 -7.85 -12.16
C LEU B 121 -12.91 -7.12 -13.30
N ASP B 122 -13.35 -5.92 -13.68
CA ASP B 122 -12.69 -5.16 -14.72
C ASP B 122 -11.33 -4.68 -14.27
N TYR B 123 -10.31 -5.40 -14.76
CA TYR B 123 -8.93 -5.08 -14.43
C TYR B 123 -8.31 -4.17 -15.51
N HIS B 124 -9.16 -3.68 -16.43
CA HIS B 124 -8.61 -2.87 -17.52
C HIS B 124 -8.54 -1.41 -17.09
N ASN B 125 -7.63 -1.08 -16.15
CA ASN B 125 -7.46 0.30 -15.80
C ASN B 125 -8.75 0.94 -15.34
N ASN B 126 -9.52 0.30 -14.45
CA ASN B 126 -10.82 0.77 -13.99
C ASN B 126 -10.76 1.06 -12.49
N ALA B 127 -10.87 2.34 -12.19
CA ALA B 127 -10.61 2.94 -10.88
C ALA B 127 -11.59 2.43 -9.83
N VAL B 128 -12.88 2.39 -10.19
CA VAL B 128 -13.93 1.98 -9.26
C VAL B 128 -13.85 0.48 -8.99
N ALA B 129 -13.47 -0.29 -10.01
CA ALA B 129 -13.21 -1.71 -9.82
C ALA B 129 -12.08 -1.89 -8.78
N LEU B 130 -10.99 -1.15 -8.94
CA LEU B 130 -9.90 -1.30 -8.01
C LEU B 130 -10.32 -0.88 -6.60
N TYR B 131 -11.01 0.26 -6.52
CA TYR B 131 -11.42 0.77 -5.20
C TYR B 131 -12.22 -0.29 -4.46
N THR B 132 -13.15 -0.95 -5.18
CA THR B 132 -14.03 -1.95 -4.62
C THR B 132 -13.24 -3.16 -4.14
N ALA B 133 -12.36 -3.65 -5.01
CA ALA B 133 -11.52 -4.76 -4.64
C ALA B 133 -10.66 -4.41 -3.44
N ASN B 134 -10.15 -3.20 -3.36
CA ASN B 134 -9.29 -2.87 -2.21
C ASN B 134 -10.06 -2.85 -0.87
N GLN B 135 -11.34 -2.46 -0.89
CA GLN B 135 -12.16 -2.49 0.32
C GLN B 135 -12.31 -3.92 0.79
N LEU B 136 -12.47 -4.84 -0.16
CA LEU B 136 -12.66 -6.23 0.21
C LEU B 136 -11.36 -6.80 0.75
N LEU B 137 -10.25 -6.40 0.18
CA LEU B 137 -8.94 -6.86 0.61
C LEU B 137 -8.61 -6.32 1.99
N ASP B 138 -8.96 -5.06 2.21
CA ASP B 138 -8.72 -4.44 3.50
C ASP B 138 -9.38 -5.28 4.58
N GLU B 139 -10.62 -5.70 4.37
CA GLU B 139 -11.36 -6.48 5.35
C GLU B 139 -10.64 -7.81 5.60
N VAL B 140 -10.12 -8.42 4.54
CA VAL B 140 -9.49 -9.72 4.64
C VAL B 140 -8.15 -9.60 5.38
N LEU B 141 -7.31 -8.66 4.96
CA LEU B 141 -6.02 -8.47 5.58
C LEU B 141 -6.18 -8.24 7.08
N ASP B 142 -7.20 -7.48 7.48
CA ASP B 142 -7.50 -7.30 8.89
C ASP B 142 -7.96 -8.59 9.55
N LEU B 143 -8.98 -9.29 8.98
CA LEU B 143 -9.47 -10.53 9.59
C LEU B 143 -8.36 -11.53 9.83
N PHE B 144 -7.43 -11.64 8.86
CA PHE B 144 -6.45 -12.69 8.91
C PHE B 144 -5.19 -12.24 9.66
N TYR B 145 -5.19 -11.06 10.26
CA TYR B 145 -4.02 -10.62 11.00
C TYR B 145 -3.58 -11.68 12.03
N GLN B 146 -2.31 -12.07 12.00
CA GLN B 146 -1.76 -13.06 12.92
C GLN B 146 -0.44 -12.54 13.51
N PRO B 147 -0.47 -11.94 14.71
CA PRO B 147 0.73 -11.46 15.37
C PRO B 147 1.85 -12.49 15.52
N LYS B 148 1.49 -13.77 15.64
CA LYS B 148 2.53 -14.77 15.79
C LYS B 148 3.45 -14.83 14.56
N PHE B 149 2.91 -14.35 13.42
CA PHE B 149 3.60 -14.40 12.13
C PHE B 149 3.79 -13.01 11.51
N ALA B 150 3.89 -11.94 12.32
CA ALA B 150 4.14 -10.59 11.84
C ALA B 150 5.49 -10.57 11.15
N GLY B 151 5.55 -9.98 9.95
CA GLY B 151 6.74 -10.03 9.10
C GLY B 151 6.73 -11.21 8.11
N LYS B 152 5.87 -12.21 8.30
CA LYS B 152 5.91 -13.41 7.50
C LYS B 152 4.57 -13.77 6.88
N GLN B 153 3.54 -12.95 7.08
CA GLN B 153 2.23 -13.30 6.54
C GLN B 153 2.25 -13.22 5.00
N ARG B 154 1.46 -14.09 4.38
CA ARG B 154 1.24 -14.11 2.95
C ARG B 154 -0.24 -14.09 2.65
N ILE B 155 -0.57 -13.59 1.47
CA ILE B 155 -1.94 -13.65 0.95
C ILE B 155 -1.87 -14.05 -0.53
N VAL B 156 -2.76 -14.99 -0.89
CA VAL B 156 -2.92 -15.36 -2.27
C VAL B 156 -4.00 -14.50 -2.91
N LEU B 157 -3.60 -13.73 -3.95
CA LEU B 157 -4.44 -12.71 -4.57
C LEU B 157 -5.09 -13.22 -5.84
N GLY B 158 -4.80 -14.48 -6.22
CA GLY B 158 -5.42 -15.10 -7.39
C GLY B 158 -4.53 -14.97 -8.64
N GLY B 159 -5.08 -14.36 -9.67
CA GLY B 159 -4.38 -14.17 -10.91
C GLY B 159 -4.47 -15.40 -11.83
N ASP B 160 -5.24 -16.46 -11.48
CA ASP B 160 -5.39 -17.60 -12.38
C ASP B 160 -6.54 -17.41 -13.38
N GLU B 161 -6.29 -17.96 -14.57
CA GLU B 161 -7.24 -18.19 -15.66
C GLU B 161 -7.99 -16.91 -16.00
N VAL B 162 -7.22 -15.86 -16.27
CA VAL B 162 -7.84 -14.57 -16.39
C VAL B 162 -8.19 -14.32 -17.85
N PRO B 163 -9.47 -14.11 -18.20
CA PRO B 163 -9.83 -13.85 -19.59
C PRO B 163 -9.27 -12.52 -20.14
N GLY B 164 -8.73 -12.59 -21.35
CA GLY B 164 -8.11 -11.46 -22.02
C GLY B 164 -6.69 -11.13 -21.55
N SER B 165 -6.14 -11.82 -20.53
CA SER B 165 -4.85 -11.45 -19.96
C SER B 165 -3.66 -11.57 -20.94
N GLY B 166 -3.74 -12.48 -21.92
CA GLY B 166 -2.67 -12.64 -22.90
C GLY B 166 -2.60 -11.41 -23.80
N ALA B 167 -3.76 -11.01 -24.29
CA ALA B 167 -3.89 -9.83 -25.13
C ALA B 167 -3.88 -8.51 -24.33
N HIS B 168 -4.18 -8.52 -23.01
CA HIS B 168 -4.18 -7.27 -22.24
C HIS B 168 -3.25 -7.38 -21.04
N GLN B 169 -2.05 -7.88 -21.26
CA GLN B 169 -1.13 -8.22 -20.19
C GLN B 169 -0.71 -6.99 -19.40
N THR B 170 -0.48 -5.87 -20.11
CA THR B 170 -0.22 -4.60 -19.44
C THR B 170 -1.28 -4.28 -18.37
N ASP B 171 -2.56 -4.30 -18.73
CA ASP B 171 -3.63 -4.05 -17.78
C ASP B 171 -3.60 -5.04 -16.61
N PHE B 172 -3.35 -6.32 -16.92
CA PHE B 172 -3.43 -7.38 -15.95
C PHE B 172 -2.31 -7.20 -14.94
N ILE B 173 -1.10 -6.96 -15.42
CA ILE B 173 0.04 -6.83 -14.50
C ILE B 173 -0.10 -5.54 -13.69
N ARG B 174 -0.64 -4.49 -14.28
CA ARG B 174 -0.85 -3.25 -13.57
C ARG B 174 -1.84 -3.51 -12.44
N PHE B 175 -2.91 -4.24 -12.73
CA PHE B 175 -3.92 -4.55 -11.73
C PHE B 175 -3.32 -5.38 -10.61
N MET B 176 -2.59 -6.45 -10.91
CA MET B 176 -1.99 -7.29 -9.87
C MET B 176 -1.03 -6.45 -9.03
N ASN B 177 -0.27 -5.55 -9.65
CA ASN B 177 0.67 -4.72 -8.89
C ASN B 177 -0.07 -3.78 -7.94
N GLN B 178 -1.26 -3.35 -8.35
CA GLN B 178 -2.04 -2.42 -7.51
C GLN B 178 -2.55 -3.14 -6.26
N ILE B 179 -3.06 -4.39 -6.43
CA ILE B 179 -3.61 -5.03 -5.26
C ILE B 179 -2.43 -5.50 -4.42
N ALA B 180 -1.28 -5.71 -5.01
CA ALA B 180 -0.09 -6.07 -4.26
C ALA B 180 0.35 -4.96 -3.32
N LYS B 181 0.20 -3.70 -3.71
CA LYS B 181 0.49 -2.60 -2.82
C LYS B 181 -0.38 -2.65 -1.56
N THR B 182 -1.66 -2.87 -1.72
CA THR B 182 -2.53 -3.07 -0.58
C THR B 182 -2.04 -4.16 0.37
N ALA B 183 -1.67 -5.34 -0.16
CA ALA B 183 -1.09 -6.34 0.70
C ALA B 183 0.18 -5.84 1.39
N LYS B 184 1.11 -5.27 0.62
CA LYS B 184 2.38 -4.83 1.17
C LYS B 184 2.18 -3.77 2.24
N ALA B 185 1.15 -2.94 2.02
CA ALA B 185 0.91 -1.86 2.99
C ALA B 185 0.52 -2.41 4.35
N SER B 186 0.04 -3.68 4.41
CA SER B 186 -0.29 -4.34 5.68
C SER B 186 0.78 -5.35 6.09
N ASN B 187 1.94 -5.27 5.42
CA ASN B 187 3.06 -6.10 5.79
C ASN B 187 2.85 -7.59 5.42
N TYR B 188 2.00 -7.87 4.41
CA TYR B 188 1.84 -9.22 3.89
C TYR B 188 2.62 -9.34 2.58
N GLU B 189 3.22 -10.52 2.36
CA GLU B 189 3.76 -10.87 1.05
C GLU B 189 2.65 -11.33 0.13
N PRO B 190 2.47 -10.70 -1.06
CA PRO B 190 1.44 -11.11 -2.00
C PRO B 190 1.89 -12.34 -2.80
N GLN B 191 0.92 -13.21 -3.13
CA GLN B 191 1.19 -14.36 -3.97
C GLN B 191 0.15 -14.45 -5.09
N MET B 192 0.51 -15.08 -6.21
CA MET B 192 -0.44 -15.30 -7.27
C MET B 192 -0.04 -16.57 -8.01
N TRP B 193 -1.00 -17.11 -8.77
CA TRP B 193 -0.82 -18.31 -9.56
C TRP B 193 0.01 -17.90 -10.79
N ASN B 194 0.68 -18.86 -11.44
CA ASN B 194 1.68 -18.55 -12.48
C ASN B 194 1.06 -18.30 -13.86
N ASP B 195 -0.16 -18.81 -14.09
CA ASP B 195 -0.53 -19.21 -15.44
C ASP B 195 -0.85 -18.06 -16.38
N SER B 196 -1.17 -16.88 -15.87
CA SER B 196 -1.69 -15.82 -16.74
C SER B 196 -0.62 -14.78 -17.00
N ILE B 197 0.53 -14.93 -16.32
CA ILE B 197 1.66 -14.06 -16.55
C ILE B 197 2.37 -14.56 -17.81
N THR B 198 2.64 -13.62 -18.73
CA THR B 198 3.38 -13.89 -19.96
C THR B 198 4.79 -13.34 -19.89
N PRO B 199 5.70 -13.80 -20.78
CA PRO B 199 7.05 -13.23 -20.85
C PRO B 199 7.04 -11.73 -21.01
N GLU B 200 6.07 -11.19 -21.72
CA GLU B 200 5.99 -9.74 -21.89
C GLU B 200 5.62 -9.08 -20.57
N GLY B 201 4.83 -9.76 -19.72
CA GLY B 201 4.31 -9.15 -18.51
C GLY B 201 5.31 -9.21 -17.35
N ILE B 202 6.12 -10.27 -17.33
CA ILE B 202 6.88 -10.57 -16.13
C ILE B 202 7.86 -9.45 -15.79
N GLN B 203 8.50 -8.86 -16.81
CA GLN B 203 9.38 -7.70 -16.68
C GLN B 203 8.80 -6.68 -15.65
N ASN B 204 7.50 -6.41 -15.68
CA ASN B 204 6.95 -5.33 -14.88
C ASN B 204 6.27 -5.80 -13.59
N LEU B 205 6.29 -7.11 -13.28
CA LEU B 205 5.54 -7.61 -12.14
C LEU B 205 6.30 -7.25 -10.88
N ASP B 206 5.57 -6.80 -9.86
CA ASP B 206 6.19 -6.45 -8.60
C ASP B 206 6.96 -7.65 -8.08
N ARG B 207 8.23 -7.45 -7.70
CA ARG B 207 9.07 -8.55 -7.24
C ARG B 207 8.76 -8.99 -5.83
N SER B 208 7.86 -8.33 -5.11
CA SER B 208 7.40 -8.81 -3.79
C SER B 208 6.60 -10.11 -3.92
N PHE B 209 5.99 -10.34 -5.10
CA PHE B 209 5.16 -11.50 -5.36
C PHE B 209 5.98 -12.78 -5.26
N SER B 210 5.37 -13.80 -4.65
CA SER B 210 5.78 -15.17 -4.88
C SER B 210 4.70 -15.89 -5.69
N ILE B 211 5.06 -17.01 -6.28
CA ILE B 211 4.30 -17.56 -7.35
C ILE B 211 3.86 -18.98 -6.98
N LEU B 212 2.56 -19.27 -7.19
CA LEU B 212 2.08 -20.63 -7.03
C LEU B 212 2.07 -21.24 -8.41
N TYR B 213 2.98 -22.21 -8.60
CA TYR B 213 3.24 -22.76 -9.92
C TYR B 213 2.51 -24.10 -10.03
N TRP B 214 1.36 -24.05 -10.70
CA TRP B 214 0.50 -25.23 -10.80
C TRP B 214 0.65 -25.93 -12.17
N LYS B 215 0.86 -25.15 -13.22
CA LYS B 215 0.90 -25.67 -14.57
C LYS B 215 1.49 -24.66 -15.56
N GLN B 216 2.47 -25.10 -16.36
CA GLN B 216 3.06 -24.26 -17.39
C GLN B 216 2.01 -24.00 -18.47
N SER B 217 1.80 -22.70 -18.74
CA SER B 217 0.89 -22.22 -19.76
C SER B 217 1.50 -22.28 -21.16
N THR B 218 0.57 -22.22 -22.12
CA THR B 218 0.88 -22.08 -23.53
C THR B 218 0.29 -20.73 -23.94
N LEU B 219 1.11 -19.91 -24.61
CA LEU B 219 0.63 -18.65 -25.15
C LEU B 219 -0.38 -18.93 -26.26
N SER B 220 -1.20 -17.95 -26.58
CA SER B 220 -2.21 -18.17 -27.59
C SER B 220 -1.54 -18.27 -28.97
N ASN B 221 -0.24 -17.96 -29.09
CA ASN B 221 0.44 -18.19 -30.36
C ASN B 221 0.98 -19.61 -30.47
N GLY B 222 0.87 -20.43 -29.42
CA GLY B 222 1.41 -21.78 -29.46
C GLY B 222 2.70 -21.95 -28.69
N ALA B 223 3.43 -20.87 -28.43
CA ALA B 223 4.70 -21.01 -27.74
C ALA B 223 4.48 -21.31 -26.25
N GLN B 224 5.52 -21.92 -25.68
CA GLN B 224 5.62 -22.19 -24.26
C GLN B 224 5.72 -20.89 -23.46
N SER B 225 5.10 -20.88 -22.28
CA SER B 225 5.17 -19.70 -21.45
C SER B 225 6.16 -19.97 -20.31
N LEU B 226 6.01 -19.20 -19.25
CA LEU B 226 7.03 -19.10 -18.25
C LEU B 226 7.20 -20.41 -17.50
N ASP B 227 8.47 -20.73 -17.24
CA ASP B 227 8.84 -21.80 -16.36
C ASP B 227 9.53 -21.21 -15.13
N VAL B 228 9.87 -22.12 -14.22
CA VAL B 228 10.47 -21.79 -12.92
C VAL B 228 11.80 -21.04 -13.09
N GLN B 229 12.56 -21.39 -14.11
CA GLN B 229 13.81 -20.73 -14.40
C GLN B 229 13.55 -19.26 -14.77
N ASP B 230 12.53 -19.01 -15.57
CA ASP B 230 12.17 -17.64 -15.89
C ASP B 230 11.81 -16.83 -14.65
N PHE B 231 11.03 -17.41 -13.72
CA PHE B 231 10.75 -16.76 -12.44
C PHE B 231 12.05 -16.47 -11.67
N GLU B 232 12.93 -17.47 -11.53
CA GLU B 232 14.27 -17.30 -10.99
C GLU B 232 14.98 -16.08 -11.62
N GLU B 233 15.05 -16.01 -12.95
CA GLU B 233 15.74 -14.91 -13.63
C GLU B 233 15.01 -13.59 -13.33
N ASN B 234 13.79 -13.58 -12.81
CA ASN B 234 13.19 -12.30 -12.51
C ASN B 234 13.16 -12.05 -11.02
N GLY B 235 13.82 -12.92 -10.25
CA GLY B 235 13.94 -12.75 -8.82
C GLY B 235 12.67 -13.11 -8.06
N LEU B 236 11.83 -14.00 -8.60
CA LEU B 236 10.56 -14.37 -8.00
C LEU B 236 10.67 -15.79 -7.51
N SER B 237 10.30 -15.97 -6.24
CA SER B 237 10.14 -17.24 -5.57
C SER B 237 8.92 -18.00 -6.10
N VAL B 238 8.96 -19.32 -5.94
CA VAL B 238 7.97 -20.19 -6.52
C VAL B 238 7.60 -21.27 -5.50
N TYR B 239 6.32 -21.65 -5.46
CA TYR B 239 5.87 -22.82 -4.71
C TYR B 239 5.29 -23.81 -5.70
N ASN B 240 5.55 -25.11 -5.47
CA ASN B 240 5.08 -26.15 -6.35
C ASN B 240 3.65 -26.56 -5.97
N TYR B 241 2.71 -26.29 -6.90
CA TYR B 241 1.30 -26.65 -6.77
C TYR B 241 0.90 -27.53 -7.96
N ASN B 242 1.81 -28.43 -8.37
CA ASN B 242 1.65 -29.28 -9.54
C ASN B 242 0.22 -29.78 -9.70
N ALA B 243 -0.40 -29.50 -10.85
CA ALA B 243 -1.82 -29.79 -10.99
C ALA B 243 -2.13 -31.28 -11.06
N TYR B 244 -1.14 -32.15 -11.33
CA TYR B 244 -1.33 -33.59 -11.36
C TYR B 244 -0.93 -34.26 -10.05
N SER B 245 0.25 -33.99 -9.55
CA SER B 245 0.65 -34.72 -8.36
C SER B 245 0.03 -34.14 -7.10
N LEU B 246 -0.42 -32.87 -7.13
CA LEU B 246 -0.75 -32.16 -5.89
C LEU B 246 -2.15 -31.55 -5.90
N TYR B 247 -2.98 -31.86 -6.91
CA TYR B 247 -4.39 -31.49 -6.93
C TYR B 247 -5.23 -32.72 -6.63
N PHE B 248 -6.15 -32.66 -5.67
CA PHE B 248 -7.06 -33.77 -5.45
C PHE B 248 -8.48 -33.25 -5.35
N LEU B 249 -9.43 -33.97 -5.96
CA LEU B 249 -10.80 -33.54 -5.84
C LEU B 249 -11.62 -34.52 -4.99
N PRO B 250 -11.74 -34.33 -3.68
CA PRO B 250 -12.49 -35.24 -2.85
C PRO B 250 -13.93 -35.43 -3.33
N SER B 251 -14.43 -36.69 -3.22
CA SER B 251 -15.71 -37.12 -3.77
C SER B 251 -16.20 -38.43 -3.15
N THR B 252 -17.51 -38.62 -3.16
CA THR B 252 -18.10 -39.87 -2.74
C THR B 252 -17.82 -40.96 -3.78
N ARG B 253 -17.26 -40.61 -4.94
CA ARG B 253 -17.03 -41.59 -5.98
C ARG B 253 -15.88 -42.54 -5.64
N PHE B 254 -15.07 -42.23 -4.64
CA PHE B 254 -13.89 -43.00 -4.31
C PHE B 254 -14.14 -44.07 -3.23
N THR B 255 -13.50 -45.22 -3.45
CA THR B 255 -13.33 -46.22 -2.43
C THR B 255 -12.04 -45.93 -1.69
N GLN B 256 -11.82 -46.67 -0.61
CA GLN B 256 -10.55 -46.56 0.11
C GLN B 256 -9.39 -47.10 -0.73
N GLU B 257 -9.68 -48.06 -1.60
CA GLU B 257 -8.67 -48.66 -2.45
C GLU B 257 -8.25 -47.57 -3.43
N ASP B 258 -9.21 -46.81 -4.00
CA ASP B 258 -8.90 -45.66 -4.85
C ASP B 258 -8.00 -44.64 -4.13
N ILE B 259 -8.27 -44.35 -2.87
CA ILE B 259 -7.43 -43.41 -2.15
C ILE B 259 -6.03 -43.96 -1.93
N THR B 260 -5.88 -45.28 -1.68
CA THR B 260 -4.56 -45.86 -1.56
C THR B 260 -3.82 -45.70 -2.90
N GLU B 261 -4.54 -45.87 -4.03
CA GLU B 261 -3.88 -45.76 -5.31
C GLU B 261 -3.41 -44.32 -5.50
N GLN B 262 -4.20 -43.33 -5.02
CA GLN B 262 -3.81 -41.93 -5.13
C GLN B 262 -2.51 -41.68 -4.36
N ILE B 263 -2.42 -42.22 -3.15
CA ILE B 263 -1.24 -42.17 -2.32
C ILE B 263 -0.04 -42.79 -3.02
N ASP B 264 -0.21 -44.00 -3.57
CA ASP B 264 0.89 -44.70 -4.22
C ASP B 264 1.35 -43.92 -5.44
N TYR B 265 0.42 -43.27 -6.17
CA TYR B 265 0.74 -42.41 -7.32
C TYR B 265 1.55 -41.20 -6.86
N MET B 266 1.05 -40.50 -5.86
CA MET B 266 1.72 -39.35 -5.32
C MET B 266 3.08 -39.77 -4.76
N LYS B 267 3.26 -41.00 -4.26
CA LYS B 267 4.55 -41.41 -3.72
C LYS B 267 5.58 -41.37 -4.85
N TRP B 268 5.29 -41.74 -6.11
CA TRP B 268 6.35 -41.58 -7.10
C TRP B 268 6.22 -40.26 -7.87
N ALA B 269 5.04 -39.64 -8.04
CA ALA B 269 4.93 -38.45 -8.89
C ALA B 269 5.44 -37.18 -8.17
N TYR B 270 5.29 -37.09 -6.85
CA TYR B 270 5.46 -35.85 -6.11
C TYR B 270 6.91 -35.74 -5.72
N ALA B 271 7.51 -34.58 -6.01
CA ALA B 271 8.59 -34.03 -5.18
C ALA B 271 8.41 -32.53 -5.09
N TYR B 272 8.97 -31.92 -4.05
CA TYR B 272 8.77 -30.51 -3.79
C TYR B 272 9.18 -29.71 -5.02
N ASN B 273 10.11 -30.25 -5.81
CA ASN B 273 10.64 -29.51 -6.93
C ASN B 273 10.42 -30.21 -8.29
N LYS B 274 9.38 -31.01 -8.38
CA LYS B 274 8.94 -31.53 -9.67
C LYS B 274 7.65 -30.86 -10.14
N PHE B 275 7.81 -30.04 -11.16
CA PHE B 275 6.79 -29.09 -11.62
C PHE B 275 6.11 -29.60 -12.88
N PHE B 276 4.87 -29.11 -13.12
CA PHE B 276 4.06 -29.53 -14.26
C PHE B 276 4.39 -28.64 -15.46
N TYR B 277 5.30 -29.12 -16.32
CA TYR B 277 5.70 -28.48 -17.57
C TYR B 277 5.00 -29.13 -18.74
N ILE B 278 4.92 -28.40 -19.84
CA ILE B 278 4.25 -28.93 -21.01
C ILE B 278 4.93 -30.25 -21.40
N SER B 279 6.26 -30.24 -21.40
CA SER B 279 7.11 -31.31 -21.91
C SER B 279 7.26 -32.45 -20.90
N ASP B 280 6.97 -32.21 -19.62
CA ASP B 280 7.16 -33.23 -18.61
C ASP B 280 6.36 -32.81 -17.38
N TYR B 281 5.39 -33.64 -17.01
CA TYR B 281 4.49 -33.37 -15.90
C TYR B 281 5.20 -33.36 -14.56
N TYR B 282 6.34 -34.03 -14.40
CA TYR B 282 7.00 -34.11 -13.10
C TYR B 282 8.45 -33.68 -13.27
N LYS B 283 8.65 -32.53 -13.90
CA LYS B 283 9.98 -32.08 -14.29
C LYS B 283 10.76 -31.59 -13.09
N GLN B 284 11.90 -32.20 -12.83
CA GLN B 284 12.71 -31.77 -11.70
C GLN B 284 13.47 -30.47 -12.01
N VAL B 285 13.29 -29.45 -11.19
CA VAL B 285 13.90 -28.15 -11.39
C VAL B 285 14.73 -27.85 -10.15
N ASP B 286 16.01 -27.56 -10.38
CA ASP B 286 17.00 -27.52 -9.31
C ASP B 286 17.31 -26.09 -8.86
N THR B 287 16.47 -25.11 -9.23
CA THR B 287 16.78 -23.70 -9.02
C THR B 287 16.58 -23.30 -7.56
N PRO B 288 17.32 -22.25 -7.11
CA PRO B 288 17.28 -21.85 -5.70
C PRO B 288 16.06 -21.00 -5.31
N ASN B 289 15.08 -20.80 -6.21
CA ASN B 289 13.94 -19.94 -5.92
C ASN B 289 12.72 -20.77 -5.46
N VAL B 290 12.90 -22.10 -5.27
CA VAL B 290 11.78 -22.92 -4.85
C VAL B 290 11.66 -22.88 -3.35
N LYS B 291 10.50 -22.46 -2.80
CA LYS B 291 10.35 -22.25 -1.36
C LYS B 291 9.49 -23.31 -0.66
N GLY B 292 8.77 -24.13 -1.44
CA GLY B 292 7.85 -25.09 -0.83
C GLY B 292 6.85 -25.67 -1.83
N SER B 293 5.82 -26.34 -1.27
CA SER B 293 4.84 -27.11 -2.01
C SER B 293 3.58 -27.25 -1.17
N SER B 294 2.46 -27.44 -1.88
CA SER B 294 1.16 -27.60 -1.25
C SER B 294 0.35 -28.66 -1.97
N LEU B 295 -0.28 -29.52 -1.17
CA LEU B 295 -1.38 -30.35 -1.63
C LEU B 295 -2.66 -29.52 -1.61
N VAL B 296 -3.47 -29.58 -2.66
CA VAL B 296 -4.66 -28.74 -2.80
C VAL B 296 -5.87 -29.67 -2.89
N PHE B 297 -6.85 -29.49 -2.00
CA PHE B 297 -8.16 -30.11 -2.11
C PHE B 297 -9.16 -29.12 -2.70
N TRP B 298 -9.45 -29.31 -3.98
CA TRP B 298 -10.52 -28.59 -4.64
C TRP B 298 -11.86 -29.24 -4.36
N GLY B 299 -12.94 -28.44 -4.38
CA GLY B 299 -14.21 -28.84 -3.79
C GLY B 299 -15.31 -29.15 -4.81
N GLU B 300 -15.01 -29.04 -6.10
CA GLU B 300 -15.97 -29.17 -7.18
C GLU B 300 -16.70 -30.52 -7.11
N HIS B 301 -16.04 -31.59 -6.64
CA HIS B 301 -16.70 -32.89 -6.72
C HIS B 301 -17.17 -33.37 -5.33
N ALA B 302 -17.19 -32.45 -4.32
CA ALA B 302 -17.33 -32.88 -2.93
C ALA B 302 -18.74 -32.71 -2.35
N ASN B 303 -19.70 -32.40 -3.23
CA ASN B 303 -20.98 -31.90 -2.76
C ASN B 303 -21.64 -32.91 -1.81
N ASP B 304 -21.72 -34.18 -2.15
CA ASP B 304 -22.50 -35.07 -1.29
C ASP B 304 -21.69 -35.59 -0.11
N LEU B 305 -20.38 -35.34 -0.01
CA LEU B 305 -19.65 -35.88 1.14
C LEU B 305 -20.16 -35.30 2.44
N SER B 306 -20.32 -36.12 3.47
CA SER B 306 -20.60 -35.68 4.81
C SER B 306 -19.29 -35.12 5.37
N GLN B 307 -19.38 -34.35 6.43
CA GLN B 307 -18.16 -33.87 7.06
C GLN B 307 -17.26 -35.02 7.53
N GLU B 308 -17.85 -36.09 8.04
CA GLU B 308 -17.02 -37.19 8.55
C GLU B 308 -16.28 -37.82 7.38
N GLY B 309 -17.02 -38.01 6.28
CA GLY B 309 -16.48 -38.66 5.09
C GLY B 309 -15.41 -37.84 4.41
N LEU B 310 -15.61 -36.51 4.41
CA LEU B 310 -14.68 -35.56 3.83
C LEU B 310 -13.34 -35.68 4.57
N LEU B 311 -13.40 -35.68 5.90
CA LEU B 311 -12.18 -35.70 6.70
C LEU B 311 -11.53 -37.07 6.60
N LYS B 312 -12.33 -38.13 6.60
CA LYS B 312 -11.78 -39.49 6.53
C LYS B 312 -11.00 -39.71 5.24
N GLN B 313 -11.52 -39.18 4.13
CA GLN B 313 -10.84 -39.22 2.86
C GLN B 313 -9.58 -38.35 2.84
N GLU B 314 -9.61 -37.12 3.38
CA GLU B 314 -8.46 -36.24 3.24
C GLU B 314 -7.30 -36.56 4.20
N LYS B 315 -7.62 -37.01 5.42
CA LYS B 315 -6.64 -37.27 6.45
C LYS B 315 -5.46 -38.09 5.92
N PRO B 316 -5.67 -39.28 5.31
CA PRO B 316 -4.53 -40.09 4.83
C PRO B 316 -3.70 -39.39 3.75
N LEU B 317 -4.34 -38.58 2.91
CA LEU B 317 -3.58 -37.86 1.88
C LEU B 317 -2.75 -36.75 2.50
N ILE B 318 -3.34 -36.03 3.46
CA ILE B 318 -2.61 -35.02 4.19
C ILE B 318 -1.38 -35.64 4.85
N GLN B 319 -1.59 -36.74 5.56
CA GLN B 319 -0.53 -37.29 6.37
C GLN B 319 0.60 -37.78 5.49
N ASN B 320 0.26 -38.36 4.37
CA ASN B 320 1.26 -38.95 3.49
C ASN B 320 2.08 -37.82 2.89
N PHE B 321 1.38 -36.79 2.37
CA PHE B 321 2.02 -35.67 1.69
C PHE B 321 3.01 -35.03 2.65
N LEU B 322 2.57 -34.72 3.87
CA LEU B 322 3.45 -34.04 4.82
C LEU B 322 4.63 -34.91 5.25
N GLY B 323 4.57 -36.23 5.02
CA GLY B 323 5.70 -37.10 5.32
C GLY B 323 6.64 -37.37 4.14
N LEU B 324 6.28 -37.02 2.90
CA LEU B 324 7.03 -37.44 1.71
C LEU B 324 8.28 -36.58 1.47
#